data_6GAP
#
_entry.id   6GAP
#
_cell.length_a   350.710
_cell.length_b   41.530
_cell.length_c   63.320
_cell.angle_alpha   90.00
_cell.angle_beta   94.98
_cell.angle_gamma   90.00
#
_symmetry.space_group_name_H-M   'C 1 2 1'
#
loop_
_entity.id
_entity.type
_entity.pdbx_description
1 polymer 'Outer capsid protein sigma-1'
2 water water
#
_entity_poly.entity_id   1
_entity_poly.type   'polypeptide(L)'
_entity_poly.pdbx_seq_one_letter_code
;MGSSHHHHHHSSGLVPRGSHMASSKGLESRVSALEKTSQIHSDTILRITQGLDDANKRIIALEQSRDDLVASVSDAQLAI
SRLESSIGALQTVVNGLDSSVTQLGARVGQLETGLAELRVDHDNLVARVDTAERNIGSLTTELSTLTLRVTSIQADFESR
ISTLERTAVTSAGAPLSIRNNRMTMGLNDGLTLSGNNLAIRLPGNTGLNIQNGGLQFRFNTDQFQIVNNNLTLKTTVFDS
INSRIGATEQSYVASAVTPLR
;
_entity_poly.pdbx_strand_id   A,B,C
#
# COMPACT_ATOMS: atom_id res chain seq x y z
N GLY A 26 62.28 4.25 134.72
CA GLY A 26 63.63 4.23 134.18
C GLY A 26 63.76 3.32 132.98
N LEU A 27 64.52 2.22 133.16
CA LEU A 27 64.74 1.21 132.12
C LEU A 27 63.49 0.36 131.92
N GLU A 28 62.73 0.11 133.02
CA GLU A 28 61.48 -0.63 133.00
C GLU A 28 60.44 0.15 132.17
N SER A 29 60.44 1.50 132.31
CA SER A 29 59.55 2.43 131.59
C SER A 29 59.85 2.39 130.07
N ARG A 30 61.15 2.43 129.70
CA ARG A 30 61.63 2.37 128.32
C ARG A 30 61.29 1.04 127.65
N VAL A 31 61.40 -0.09 128.40
CA VAL A 31 61.03 -1.42 127.90
C VAL A 31 59.51 -1.48 127.67
N SER A 32 58.71 -1.03 128.66
CA SER A 32 57.25 -1.01 128.59
C SER A 32 56.75 -0.20 127.38
N ALA A 33 57.42 0.93 127.07
CA ALA A 33 57.11 1.78 125.93
C ALA A 33 57.40 1.05 124.61
N LEU A 34 58.48 0.23 124.58
CA LEU A 34 58.87 -0.57 123.43
C LEU A 34 57.87 -1.69 123.17
N GLU A 35 57.43 -2.36 124.24
CA GLU A 35 56.46 -3.47 124.21
C GLU A 35 55.12 -2.97 123.68
N LYS A 36 54.75 -1.74 124.08
CA LYS A 36 53.52 -1.07 123.68
C LYS A 36 53.59 -0.79 122.17
N THR A 37 54.69 -0.20 121.69
CA THR A 37 54.91 0.14 120.28
C THR A 37 55.00 -1.12 119.41
N SER A 38 55.71 -2.15 119.91
CA SER A 38 55.93 -3.44 119.25
C SER A 38 54.57 -4.13 118.97
N GLN A 39 53.65 -4.10 119.94
CA GLN A 39 52.30 -4.67 119.77
C GLN A 39 51.53 -3.91 118.63
N ILE A 40 51.62 -2.57 118.60
CA ILE A 40 50.99 -1.71 117.58
C ILE A 40 51.58 -2.05 116.19
N HIS A 41 52.93 -2.17 116.12
CA HIS A 41 53.66 -2.51 114.92
C HIS A 41 53.21 -3.85 114.38
N SER A 42 53.07 -4.84 115.28
CA SER A 42 52.64 -6.18 114.96
C SER A 42 51.22 -6.15 114.34
N ASP A 43 50.25 -5.47 115.01
CA ASP A 43 48.88 -5.33 114.54
C ASP A 43 48.79 -4.58 113.21
N THR A 44 49.55 -3.49 113.06
CA THR A 44 49.60 -2.72 111.80
C THR A 44 50.23 -3.57 110.67
N ILE A 45 51.32 -4.29 110.95
CA ILE A 45 51.93 -5.16 109.91
C ILE A 45 50.88 -6.20 109.37
N LEU A 46 50.12 -6.86 110.29
CA LEU A 46 49.08 -7.83 109.93
C LEU A 46 47.96 -7.22 109.09
N ARG A 47 47.58 -5.96 109.38
CA ARG A 47 46.57 -5.25 108.63
C ARG A 47 47.09 -4.91 107.23
N ILE A 48 48.35 -4.40 107.14
CA ILE A 48 48.98 -4.09 105.85
C ILE A 48 49.05 -5.38 105.00
N THR A 49 49.39 -6.52 105.62
CA THR A 49 49.49 -7.83 104.94
C THR A 49 48.15 -8.24 104.35
N GLN A 50 47.06 -8.13 105.15
CA GLN A 50 45.70 -8.42 104.65
C GLN A 50 45.35 -7.48 103.49
N GLY A 51 45.67 -6.18 103.62
CA GLY A 51 45.41 -5.21 102.57
C GLY A 51 46.21 -5.49 101.30
N LEU A 52 47.48 -5.88 101.45
CA LEU A 52 48.35 -6.20 100.32
C LEU A 52 47.87 -7.46 99.59
N ASP A 53 47.36 -8.45 100.36
CA ASP A 53 46.80 -9.68 99.80
C ASP A 53 45.55 -9.33 98.93
N ASP A 54 44.63 -8.48 99.47
CA ASP A 54 43.44 -8.00 98.76
C ASP A 54 43.83 -7.25 97.47
N ALA A 55 44.83 -6.36 97.54
CA ALA A 55 45.31 -5.62 96.36
C ALA A 55 45.85 -6.57 95.26
N ASN A 56 46.63 -7.61 95.65
CA ASN A 56 47.18 -8.62 94.74
C ASN A 56 46.09 -9.39 94.00
N LYS A 57 45.00 -9.78 94.71
CA LYS A 57 43.89 -10.52 94.11
C LYS A 57 43.16 -9.67 93.09
N ARG A 58 42.94 -8.39 93.44
CA ARG A 58 42.31 -7.40 92.57
C ARG A 58 43.17 -7.10 91.35
N ILE A 59 44.51 -7.11 91.50
CA ILE A 59 45.42 -6.94 90.35
C ILE A 59 45.30 -8.13 89.37
N ILE A 60 45.28 -9.38 89.89
CA ILE A 60 45.09 -10.62 89.09
C ILE A 60 43.76 -10.56 88.33
N ALA A 61 42.67 -10.15 89.01
CA ALA A 61 41.36 -10.07 88.37
C ALA A 61 41.43 -9.05 87.23
N LEU A 62 42.12 -7.90 87.45
CA LEU A 62 42.34 -6.85 86.43
C LEU A 62 43.16 -7.31 85.24
N GLU A 63 44.17 -8.18 85.48
CA GLU A 63 45.02 -8.70 84.39
C GLU A 63 44.26 -9.71 83.56
N GLN A 64 43.31 -10.43 84.18
CA GLN A 64 42.45 -11.39 83.51
C GLN A 64 41.48 -10.61 82.61
N SER A 65 40.88 -9.51 83.15
CA SER A 65 39.96 -8.67 82.39
C SER A 65 40.70 -8.05 81.19
N ARG A 66 41.95 -7.60 81.43
CA ARG A 66 42.81 -7.04 80.38
C ARG A 66 42.98 -8.06 79.22
N ASP A 67 43.33 -9.32 79.53
CA ASP A 67 43.49 -10.37 78.53
C ASP A 67 42.17 -10.61 77.78
N ASP A 68 41.02 -10.68 78.50
CA ASP A 68 39.72 -10.86 77.85
C ASP A 68 39.40 -9.70 76.89
N LEU A 69 39.66 -8.45 77.34
CA LEU A 69 39.40 -7.23 76.56
C LEU A 69 40.28 -7.15 75.34
N VAL A 70 41.57 -7.49 75.48
CA VAL A 70 42.49 -7.52 74.33
C VAL A 70 41.96 -8.51 73.23
N ALA A 71 41.54 -9.73 73.64
CA ALA A 71 41.03 -10.73 72.69
C ALA A 71 39.72 -10.29 72.01
N SER A 72 38.79 -9.67 72.77
CA SER A 72 37.50 -9.21 72.24
C SER A 72 37.68 -8.07 71.27
N VAL A 73 38.57 -7.12 71.62
CA VAL A 73 38.89 -5.94 70.82
C VAL A 73 39.62 -6.38 69.53
N SER A 74 40.59 -7.30 69.65
CA SER A 74 41.33 -7.84 68.50
C SER A 74 40.33 -8.50 67.51
N ASP A 75 39.33 -9.26 68.04
CA ASP A 75 38.28 -9.88 67.24
C ASP A 75 37.37 -8.84 66.60
N ALA A 76 37.00 -7.78 67.36
CA ALA A 76 36.14 -6.73 66.85
C ALA A 76 36.84 -5.97 65.71
N GLN A 77 38.16 -5.70 65.86
CA GLN A 77 38.97 -4.99 64.84
C GLN A 77 38.99 -5.76 63.51
N LEU A 78 39.21 -7.10 63.55
CA LEU A 78 39.22 -7.93 62.34
C LEU A 78 37.84 -7.96 61.67
N ALA A 79 36.76 -8.03 62.48
CA ALA A 79 35.38 -8.06 62.00
C ALA A 79 35.04 -6.73 61.34
N ILE A 80 35.46 -5.62 61.94
CA ILE A 80 35.28 -4.27 61.37
C ILE A 80 35.97 -4.19 60.00
N SER A 81 37.22 -4.70 59.89
CA SER A 81 37.98 -4.69 58.63
C SER A 81 37.26 -5.46 57.54
N ARG A 82 36.67 -6.61 57.88
CA ARG A 82 35.92 -7.42 56.92
C ARG A 82 34.68 -6.65 56.45
N LEU A 83 34.00 -5.94 57.36
CA LEU A 83 32.82 -5.14 57.05
C LEU A 83 33.14 -3.98 56.08
N GLU A 84 34.31 -3.34 56.26
CA GLU A 84 34.79 -2.25 55.40
C GLU A 84 35.10 -2.79 53.97
N SER A 85 35.64 -4.03 53.87
CA SER A 85 35.91 -4.67 52.58
C SER A 85 34.59 -5.01 51.86
N SER A 86 33.64 -5.62 52.59
CA SER A 86 32.33 -5.99 52.10
C SER A 86 31.54 -4.76 51.63
N ILE A 87 31.54 -3.68 52.44
CA ILE A 87 30.83 -2.45 52.08
C ILE A 87 31.43 -1.75 50.85
N GLY A 88 32.76 -1.69 50.79
CA GLY A 88 33.51 -1.11 49.67
C GLY A 88 33.26 -1.84 48.37
N ALA A 89 33.20 -3.19 48.42
CA ALA A 89 32.92 -4.06 47.26
C ALA A 89 31.47 -3.89 46.80
N LEU A 90 30.53 -3.69 47.76
CA LEU A 90 29.10 -3.48 47.49
C LEU A 90 28.88 -2.15 46.77
N GLN A 91 29.52 -1.07 47.27
CA GLN A 91 29.44 0.29 46.71
C GLN A 91 29.82 0.31 45.22
N THR A 92 30.91 -0.42 44.83
CA THR A 92 31.36 -0.49 43.44
C THR A 92 30.36 -1.22 42.53
N VAL A 93 29.81 -2.37 43.01
CA VAL A 93 28.79 -3.17 42.32
C VAL A 93 27.53 -2.31 42.10
N VAL A 94 27.10 -1.56 43.14
CA VAL A 94 25.95 -0.65 43.13
C VAL A 94 26.19 0.54 42.16
N ASN A 95 27.42 1.09 42.14
CA ASN A 95 27.83 2.19 41.25
C ASN A 95 27.70 1.74 39.76
N GLY A 96 28.11 0.49 39.48
CA GLY A 96 28.03 -0.14 38.17
C GLY A 96 26.58 -0.32 37.78
N LEU A 97 25.76 -0.87 38.70
CA LEU A 97 24.32 -1.04 38.51
C LEU A 97 23.63 0.30 38.23
N ASP A 98 24.06 1.40 38.88
CA ASP A 98 23.50 2.74 38.66
C ASP A 98 23.74 3.23 37.23
N SER A 99 24.96 3.04 36.70
CA SER A 99 25.33 3.44 35.35
C SER A 99 24.56 2.62 34.31
N SER A 100 24.46 1.28 34.52
CA SER A 100 23.74 0.35 33.66
C SER A 100 22.25 0.72 33.56
N VAL A 101 21.64 1.09 34.70
CA VAL A 101 20.23 1.52 34.78
C VAL A 101 20.05 2.88 34.07
N THR A 102 21.07 3.78 34.15
CA THR A 102 21.06 5.08 33.48
C THR A 102 21.14 4.86 31.96
N GLN A 103 21.97 3.89 31.52
CA GLN A 103 22.13 3.52 30.11
C GLN A 103 20.83 2.89 29.57
N LEU A 104 20.20 2.00 30.37
CA LEU A 104 18.93 1.34 30.01
C LEU A 104 17.76 2.33 29.97
N GLY A 105 17.85 3.38 30.79
CA GLY A 105 16.84 4.44 30.85
C GLY A 105 16.88 5.31 29.61
N ALA A 106 18.08 5.47 29.02
CA ALA A 106 18.30 6.24 27.80
C ALA A 106 17.87 5.39 26.60
N ARG A 107 18.18 4.06 26.65
CA ARG A 107 17.83 3.09 25.63
C ARG A 107 16.32 2.83 25.52
N VAL A 108 15.59 2.84 26.67
CA VAL A 108 14.13 2.67 26.69
C VAL A 108 13.47 3.97 26.19
N GLY A 109 14.06 5.12 26.57
CA GLY A 109 13.60 6.44 26.18
C GLY A 109 13.59 6.66 24.68
N GLN A 110 14.64 6.13 23.98
CA GLN A 110 14.79 6.21 22.53
C GLN A 110 13.88 5.20 21.84
N LEU A 111 13.74 3.99 22.43
CA LEU A 111 12.87 2.92 21.94
C LEU A 111 11.40 3.34 21.94
N GLU A 112 10.98 4.15 22.93
CA GLU A 112 9.61 4.66 23.05
C GLU A 112 9.34 5.76 22.02
N THR A 113 10.39 6.52 21.65
CA THR A 113 10.36 7.58 20.64
C THR A 113 10.31 6.96 19.23
N GLY A 114 11.17 5.95 19.01
CA GLY A 114 11.29 5.20 17.76
C GLY A 114 10.03 4.44 17.38
N LEU A 115 9.39 3.79 18.38
CA LEU A 115 8.15 3.02 18.19
C LEU A 115 6.97 3.95 17.92
N ALA A 116 6.99 5.16 18.53
CA ALA A 116 5.94 6.18 18.35
C ALA A 116 6.00 6.75 16.92
N GLU A 117 7.23 6.92 16.37
CA GLU A 117 7.47 7.41 15.02
C GLU A 117 7.05 6.37 13.96
N LEU A 118 7.45 5.09 14.16
CA LEU A 118 7.10 3.99 13.26
C LEU A 118 5.60 3.71 13.22
N ARG A 119 4.88 3.99 14.33
CA ARG A 119 3.43 3.84 14.41
C ARG A 119 2.74 4.93 13.57
N VAL A 120 3.25 6.19 13.66
CA VAL A 120 2.74 7.33 12.90
C VAL A 120 2.98 7.09 11.41
N ASP A 121 4.19 6.59 11.05
CA ASP A 121 4.61 6.27 9.69
C ASP A 121 3.81 5.12 9.07
N HIS A 122 3.46 4.09 9.88
CA HIS A 122 2.65 2.94 9.44
C HIS A 122 1.20 3.38 9.20
N ASP A 123 0.65 4.21 10.09
CA ASP A 123 -0.72 4.71 10.00
C ASP A 123 -0.92 5.63 8.80
N ASN A 124 0.12 6.41 8.43
CA ASN A 124 0.12 7.30 7.26
C ASN A 124 0.18 6.48 5.96
N LEU A 125 0.86 5.32 6.01
CA LEU A 125 0.99 4.38 4.89
C LEU A 125 -0.32 3.58 4.75
N VAL A 126 -0.97 3.24 5.88
CA VAL A 126 -2.24 2.50 5.92
C VAL A 126 -3.35 3.35 5.28
N ALA A 127 -3.28 4.68 5.46
CA ALA A 127 -4.22 5.65 4.88
C ALA A 127 -4.03 5.72 3.36
N ARG A 128 -2.76 5.63 2.90
CA ARG A 128 -2.37 5.64 1.48
C ARG A 128 -2.82 4.34 0.78
N VAL A 129 -2.77 3.19 1.49
CA VAL A 129 -3.21 1.88 0.99
C VAL A 129 -4.74 1.88 0.92
N ASP A 130 -5.40 2.54 1.89
CA ASP A 130 -6.86 2.68 1.95
C ASP A 130 -7.38 3.45 0.72
N THR A 131 -6.64 4.51 0.31
CA THR A 131 -6.91 5.34 -0.86
C THR A 131 -6.64 4.55 -2.15
N ALA A 132 -5.50 3.82 -2.21
CA ALA A 132 -5.09 2.99 -3.36
C ALA A 132 -6.08 1.85 -3.63
N GLU A 133 -6.64 1.22 -2.57
CA GLU A 133 -7.63 0.14 -2.68
C GLU A 133 -8.93 0.67 -3.28
N ARG A 134 -9.33 1.89 -2.89
CA ARG A 134 -10.52 2.60 -3.37
C ARG A 134 -10.34 2.99 -4.84
N ASN A 135 -9.11 3.43 -5.22
CA ASN A 135 -8.76 3.80 -6.59
C ASN A 135 -8.68 2.58 -7.51
N ILE A 136 -8.22 1.43 -6.98
CA ILE A 136 -8.12 0.16 -7.73
C ILE A 136 -9.55 -0.35 -8.05
N GLY A 137 -10.42 -0.36 -7.04
CA GLY A 137 -11.82 -0.77 -7.18
C GLY A 137 -12.60 0.10 -8.14
N SER A 138 -12.30 1.43 -8.14
CA SER A 138 -12.91 2.43 -9.02
C SER A 138 -12.50 2.16 -10.47
N LEU A 139 -11.20 1.87 -10.71
CA LEU A 139 -10.65 1.54 -12.03
C LEU A 139 -11.20 0.21 -12.54
N THR A 140 -11.42 -0.77 -11.63
CA THR A 140 -11.96 -2.10 -11.95
C THR A 140 -13.36 -2.02 -12.58
N THR A 141 -14.28 -1.24 -11.97
CA THR A 141 -15.64 -1.06 -12.49
C THR A 141 -15.67 -0.17 -13.74
N GLU A 142 -14.86 0.92 -13.76
CA GLU A 142 -14.76 1.87 -14.88
C GLU A 142 -14.29 1.17 -16.16
N LEU A 143 -13.31 0.23 -16.03
CA LEU A 143 -12.78 -0.58 -17.12
C LEU A 143 -13.80 -1.62 -17.55
N SER A 144 -14.56 -2.20 -16.58
CA SER A 144 -15.62 -3.18 -16.85
C SER A 144 -16.75 -2.56 -17.68
N THR A 145 -17.11 -1.30 -17.37
CA THR A 145 -18.13 -0.51 -18.08
C THR A 145 -17.65 -0.22 -19.51
N LEU A 146 -16.37 0.20 -19.66
CA LEU A 146 -15.75 0.51 -20.95
C LEU A 146 -15.57 -0.74 -21.84
N THR A 147 -15.23 -1.90 -21.25
CA THR A 147 -15.07 -3.16 -21.98
C THR A 147 -16.43 -3.64 -22.53
N LEU A 148 -17.51 -3.42 -21.74
CA LEU A 148 -18.87 -3.76 -22.11
C LEU A 148 -19.41 -2.82 -23.21
N ARG A 149 -19.03 -1.52 -23.14
CA ARG A 149 -19.39 -0.47 -24.09
C ARG A 149 -18.78 -0.80 -25.46
N VAL A 150 -17.49 -1.16 -25.50
CA VAL A 150 -16.73 -1.53 -26.70
C VAL A 150 -17.38 -2.76 -27.39
N THR A 151 -17.92 -3.70 -26.59
CA THR A 151 -18.61 -4.90 -27.07
C THR A 151 -19.96 -4.51 -27.69
N SER A 152 -20.67 -3.56 -27.04
CA SER A 152 -21.96 -3.04 -27.47
C SER A 152 -21.85 -2.28 -28.80
N ILE A 153 -20.82 -1.40 -28.94
CA ILE A 153 -20.58 -0.62 -30.15
C ILE A 153 -20.11 -1.51 -31.32
N GLN A 154 -19.19 -2.48 -31.04
CA GLN A 154 -18.65 -3.41 -32.02
C GLN A 154 -19.77 -4.23 -32.65
N ALA A 155 -20.68 -4.77 -31.80
CA ALA A 155 -21.83 -5.59 -32.21
C ALA A 155 -22.82 -4.80 -33.08
N ASP A 156 -23.28 -3.63 -32.59
CA ASP A 156 -24.21 -2.76 -33.30
C ASP A 156 -23.66 -2.33 -34.66
N PHE A 157 -22.39 -1.87 -34.70
CA PHE A 157 -21.73 -1.43 -35.92
C PHE A 157 -21.42 -2.61 -36.86
N GLU A 158 -21.11 -3.81 -36.31
CA GLU A 158 -20.85 -5.00 -37.14
C GLU A 158 -22.10 -5.35 -37.93
N SER A 159 -23.26 -5.36 -37.26
CA SER A 159 -24.57 -5.68 -37.83
C SER A 159 -24.96 -4.64 -38.89
N ARG A 160 -24.81 -3.35 -38.56
CA ARG A 160 -25.15 -2.24 -39.45
C ARG A 160 -24.26 -2.14 -40.68
N ILE A 161 -22.91 -2.27 -40.51
CA ILE A 161 -21.96 -2.27 -41.63
C ILE A 161 -22.26 -3.46 -42.54
N SER A 162 -22.45 -4.66 -41.95
CA SER A 162 -22.75 -5.91 -42.65
C SER A 162 -24.01 -5.86 -43.49
N THR A 163 -25.11 -5.28 -42.95
CA THR A 163 -26.38 -5.11 -43.65
C THR A 163 -26.14 -4.26 -44.90
N LEU A 164 -25.40 -3.13 -44.74
CA LEU A 164 -25.06 -2.25 -45.84
C LEU A 164 -24.20 -2.95 -46.90
N GLU A 165 -23.25 -3.81 -46.50
CA GLU A 165 -22.34 -4.51 -47.41
C GLU A 165 -23.04 -5.56 -48.29
N ARG A 166 -24.09 -6.18 -47.75
CA ARG A 166 -24.85 -7.23 -48.41
C ARG A 166 -25.91 -6.66 -49.36
N THR A 167 -26.49 -5.48 -49.02
CA THR A 167 -27.60 -4.84 -49.74
C THR A 167 -27.27 -3.58 -50.59
N ALA A 168 -26.21 -2.82 -50.26
CA ALA A 168 -25.88 -1.60 -51.03
C ALA A 168 -25.50 -1.91 -52.48
N VAL A 169 -25.82 -0.98 -53.42
CA VAL A 169 -25.49 -1.14 -54.84
C VAL A 169 -24.10 -0.58 -55.06
N THR A 170 -23.19 -1.40 -55.62
CA THR A 170 -21.80 -1.01 -55.85
C THR A 170 -21.34 -1.18 -57.29
N SER A 171 -22.17 -1.79 -58.14
CA SER A 171 -21.87 -1.98 -59.57
C SER A 171 -23.21 -2.00 -60.30
N ALA A 172 -23.15 -1.84 -61.61
CA ALA A 172 -24.36 -1.84 -62.44
C ALA A 172 -24.01 -2.26 -63.84
N GLY A 173 -24.96 -2.87 -64.54
CA GLY A 173 -24.77 -3.25 -65.92
C GLY A 173 -25.43 -2.27 -66.87
N ALA A 174 -24.88 -2.12 -68.10
CA ALA A 174 -25.44 -1.27 -69.17
C ALA A 174 -26.97 -1.50 -69.30
N PRO A 175 -27.83 -0.44 -69.41
CA PRO A 175 -27.50 0.98 -69.66
C PRO A 175 -27.17 1.83 -68.44
N LEU A 176 -27.03 1.19 -67.26
CA LEU A 176 -26.70 1.89 -66.03
C LEU A 176 -25.18 1.98 -65.82
N SER A 177 -24.71 3.10 -65.26
CA SER A 177 -23.31 3.30 -64.90
C SER A 177 -23.20 4.11 -63.64
N ILE A 178 -22.12 3.89 -62.88
CA ILE A 178 -21.85 4.57 -61.60
C ILE A 178 -20.50 5.31 -61.67
N ARG A 179 -20.53 6.59 -61.31
CA ARG A 179 -19.37 7.45 -61.19
C ARG A 179 -19.61 8.24 -59.92
N ASN A 180 -18.63 8.20 -58.97
CA ASN A 180 -18.66 8.93 -57.70
C ASN A 180 -20.00 8.88 -56.96
N ASN A 181 -20.42 7.64 -56.61
CA ASN A 181 -21.66 7.34 -55.89
C ASN A 181 -22.95 7.74 -56.64
N ARG A 182 -22.84 8.17 -57.91
CA ARG A 182 -23.99 8.61 -58.69
C ARG A 182 -24.29 7.65 -59.83
N MET A 183 -25.54 7.21 -59.94
CA MET A 183 -25.95 6.33 -61.03
C MET A 183 -26.67 7.08 -62.13
N THR A 184 -26.23 6.91 -63.37
CA THR A 184 -26.86 7.51 -64.55
C THR A 184 -27.23 6.43 -65.56
N MET A 185 -28.19 6.76 -66.44
CA MET A 185 -28.68 5.87 -67.48
C MET A 185 -28.36 6.47 -68.85
N GLY A 186 -27.61 5.70 -69.65
CA GLY A 186 -27.25 6.07 -71.02
C GLY A 186 -28.36 5.70 -71.99
N LEU A 187 -28.78 6.67 -72.81
CA LEU A 187 -29.85 6.52 -73.78
C LEU A 187 -29.40 6.79 -75.17
N ASN A 188 -29.88 5.98 -76.10
CA ASN A 188 -29.61 6.24 -77.51
C ASN A 188 -30.77 7.02 -78.09
N ASP A 189 -30.55 7.69 -79.26
CA ASP A 189 -31.58 8.42 -80.00
C ASP A 189 -32.79 7.51 -80.13
N GLY A 190 -33.97 8.04 -79.83
CA GLY A 190 -35.23 7.29 -79.83
C GLY A 190 -35.82 7.27 -78.44
N LEU A 191 -34.95 7.35 -77.43
CA LEU A 191 -35.28 7.40 -76.01
C LEU A 191 -34.76 8.70 -75.42
N THR A 192 -35.59 9.34 -74.62
CA THR A 192 -35.25 10.63 -74.02
C THR A 192 -35.91 10.80 -72.65
N LEU A 193 -35.64 11.95 -72.01
CA LEU A 193 -36.26 12.37 -70.76
C LEU A 193 -37.38 13.34 -71.09
N SER A 194 -38.55 13.05 -70.57
CA SER A 194 -39.71 13.93 -70.67
C SER A 194 -40.11 14.12 -69.23
N GLY A 195 -39.83 15.30 -68.72
CA GLY A 195 -40.10 15.66 -67.33
C GLY A 195 -39.13 14.94 -66.43
N ASN A 196 -39.62 13.95 -65.68
CA ASN A 196 -38.77 13.15 -64.79
C ASN A 196 -38.67 11.68 -65.29
N ASN A 197 -39.30 11.40 -66.44
CA ASN A 197 -39.50 10.06 -66.98
C ASN A 197 -38.83 9.72 -68.28
N LEU A 198 -38.69 8.41 -68.51
CA LEU A 198 -38.20 7.85 -69.76
C LEU A 198 -39.34 7.92 -70.75
N ALA A 199 -39.05 8.42 -71.96
CA ALA A 199 -40.03 8.58 -73.01
C ALA A 199 -39.49 8.17 -74.34
N ILE A 200 -40.39 7.92 -75.28
CA ILE A 200 -40.03 7.62 -76.67
C ILE A 200 -39.99 8.97 -77.42
N ARG A 201 -38.85 9.26 -78.08
CA ARG A 201 -38.66 10.48 -78.88
CA ARG A 201 -38.67 10.49 -78.88
C ARG A 201 -39.13 10.23 -80.32
N LEU A 202 -40.08 11.05 -80.78
CA LEU A 202 -40.68 10.97 -82.10
C LEU A 202 -40.51 12.32 -82.83
N PRO A 203 -39.32 12.59 -83.43
CA PRO A 203 -39.14 13.91 -84.08
C PRO A 203 -39.98 14.11 -85.34
N GLY A 204 -40.41 15.35 -85.57
CA GLY A 204 -41.25 15.75 -86.69
C GLY A 204 -42.62 15.09 -86.66
N ASN A 205 -43.19 14.84 -87.84
CA ASN A 205 -44.50 14.20 -87.99
C ASN A 205 -44.39 13.17 -89.08
N THR A 206 -44.27 11.90 -88.70
CA THR A 206 -44.13 10.79 -89.66
C THR A 206 -45.25 9.75 -89.52
N GLY A 207 -46.29 10.08 -88.77
CA GLY A 207 -47.41 9.18 -88.52
C GLY A 207 -47.35 8.48 -87.17
N LEU A 208 -46.31 8.76 -86.35
CA LEU A 208 -46.17 8.17 -85.01
C LEU A 208 -46.52 9.18 -83.93
N ASN A 209 -47.23 8.70 -82.90
CA ASN A 209 -47.62 9.54 -81.78
C ASN A 209 -47.80 8.76 -80.51
N ILE A 210 -47.53 9.45 -79.40
CA ILE A 210 -47.86 8.97 -78.09
C ILE A 210 -49.28 9.51 -77.83
N GLN A 211 -50.23 8.58 -77.72
CA GLN A 211 -51.64 8.82 -77.47
C GLN A 211 -52.31 7.53 -76.99
N ASN A 212 -53.49 7.66 -76.31
CA ASN A 212 -54.29 6.52 -75.85
C ASN A 212 -53.50 5.57 -74.97
N GLY A 213 -52.54 6.13 -74.23
CA GLY A 213 -51.73 5.38 -73.30
C GLY A 213 -50.44 4.78 -73.85
N GLY A 214 -50.05 5.14 -75.07
CA GLY A 214 -48.80 4.61 -75.62
C GLY A 214 -48.48 4.96 -77.06
N LEU A 215 -47.62 4.13 -77.73
CA LEU A 215 -47.21 4.34 -79.11
C LEU A 215 -48.22 3.85 -80.12
N GLN A 216 -48.69 4.79 -80.96
CA GLN A 216 -49.65 4.50 -82.03
C GLN A 216 -49.20 5.05 -83.37
N PHE A 217 -49.64 4.37 -84.45
CA PHE A 217 -49.47 4.76 -85.83
C PHE A 217 -50.78 5.42 -86.26
N ARG A 218 -50.68 6.43 -87.10
CA ARG A 218 -51.78 7.28 -87.57
C ARG A 218 -51.86 7.31 -89.07
N PHE A 219 -53.08 7.27 -89.57
CA PHE A 219 -53.36 7.21 -91.02
C PHE A 219 -54.69 7.90 -91.31
N ASN A 220 -54.89 8.31 -92.57
CA ASN A 220 -56.14 8.90 -93.03
C ASN A 220 -57.16 7.74 -93.04
N THR A 221 -58.27 7.92 -92.28
CA THR A 221 -59.31 6.90 -92.11
C THR A 221 -60.26 6.71 -93.31
N ASP A 222 -60.20 7.60 -94.33
CA ASP A 222 -60.99 7.46 -95.56
C ASP A 222 -60.18 6.66 -96.58
N GLN A 223 -58.85 6.63 -96.38
CA GLN A 223 -57.93 5.98 -97.32
C GLN A 223 -57.39 4.63 -96.85
N PHE A 224 -57.20 4.49 -95.54
CA PHE A 224 -56.61 3.34 -94.89
C PHE A 224 -57.46 2.78 -93.78
N GLN A 225 -57.29 1.49 -93.53
CA GLN A 225 -57.92 0.79 -92.41
C GLN A 225 -56.91 -0.23 -91.85
N ILE A 226 -57.19 -0.77 -90.67
CA ILE A 226 -56.35 -1.77 -90.04
C ILE A 226 -57.14 -3.09 -90.03
N VAL A 227 -56.54 -4.13 -90.60
CA VAL A 227 -57.16 -5.47 -90.71
C VAL A 227 -56.09 -6.46 -90.29
N ASN A 228 -56.34 -7.29 -89.23
CA ASN A 228 -55.38 -8.25 -88.64
C ASN A 228 -54.10 -7.53 -88.20
N ASN A 229 -54.28 -6.30 -87.67
CA ASN A 229 -53.24 -5.39 -87.25
C ASN A 229 -52.25 -5.03 -88.41
N ASN A 230 -52.77 -5.03 -89.65
CA ASN A 230 -51.99 -4.71 -90.84
C ASN A 230 -52.59 -3.50 -91.50
N LEU A 231 -51.74 -2.57 -91.95
CA LEU A 231 -52.15 -1.40 -92.72
C LEU A 231 -52.73 -1.88 -94.07
N THR A 232 -53.94 -1.42 -94.39
CA THR A 232 -54.68 -1.84 -95.57
C THR A 232 -55.32 -0.62 -96.22
N LEU A 233 -55.30 -0.57 -97.57
CA LEU A 233 -56.00 0.44 -98.36
C LEU A 233 -57.49 0.15 -98.24
N LYS A 234 -58.32 1.19 -97.98
CA LYS A 234 -59.77 1.05 -97.88
C LYS A 234 -60.39 0.59 -99.22
N THR A 235 -61.50 -0.17 -99.16
CA THR A 235 -62.18 -0.70 -100.35
C THR A 235 -62.72 0.44 -101.25
N THR A 236 -63.18 1.53 -100.62
CA THR A 236 -63.77 2.72 -101.23
C THR A 236 -62.77 3.77 -101.81
N VAL A 237 -61.45 3.56 -101.63
CA VAL A 237 -60.36 4.46 -102.07
C VAL A 237 -60.48 4.94 -103.52
N PHE A 238 -60.68 4.01 -104.46
CA PHE A 238 -60.74 4.29 -105.88
C PHE A 238 -62.17 4.42 -106.47
N ASP A 239 -63.21 4.54 -105.61
CA ASP A 239 -64.62 4.67 -106.01
C ASP A 239 -64.88 5.83 -106.98
N SER A 240 -64.25 6.99 -106.74
CA SER A 240 -64.35 8.20 -107.59
C SER A 240 -63.65 7.98 -108.94
N ILE A 241 -62.59 7.14 -108.96
CA ILE A 241 -61.83 6.81 -110.17
C ILE A 241 -62.56 5.74 -111.00
N ASN A 242 -63.22 4.77 -110.32
CA ASN A 242 -63.98 3.71 -110.97
C ASN A 242 -65.31 4.22 -111.56
N SER A 243 -65.86 5.32 -111.00
CA SER A 243 -67.10 5.94 -111.46
C SER A 243 -66.84 6.82 -112.67
N GLY B 26 63.75 -11.87 133.81
CA GLY B 26 62.96 -10.70 134.17
C GLY B 26 62.92 -9.64 133.10
N LEU B 27 63.62 -8.50 133.33
CA LEU B 27 63.72 -7.37 132.40
C LEU B 27 64.54 -7.74 131.16
N GLU B 28 65.56 -8.61 131.34
CA GLU B 28 66.43 -9.13 130.27
C GLU B 28 65.61 -10.09 129.37
N SER B 29 64.69 -10.88 129.98
CA SER B 29 63.80 -11.81 129.27
C SER B 29 62.84 -11.04 128.36
N ARG B 30 62.38 -9.85 128.83
CA ARG B 30 61.50 -8.93 128.12
C ARG B 30 62.25 -8.27 126.95
N VAL B 31 63.54 -7.92 127.15
CA VAL B 31 64.42 -7.32 126.14
C VAL B 31 64.66 -8.33 125.00
N SER B 32 64.96 -9.59 125.35
CA SER B 32 65.17 -10.69 124.39
C SER B 32 63.90 -11.02 123.58
N ALA B 33 62.72 -10.83 124.20
CA ALA B 33 61.42 -11.05 123.56
C ALA B 33 61.17 -9.96 122.52
N LEU B 34 61.58 -8.72 122.86
CA LEU B 34 61.48 -7.54 122.02
C LEU B 34 62.42 -7.63 120.82
N GLU B 35 63.64 -8.15 121.03
CA GLU B 35 64.67 -8.32 119.99
C GLU B 35 64.23 -9.32 118.93
N LYS B 36 63.67 -10.47 119.37
CA LYS B 36 63.13 -11.52 118.49
C LYS B 36 61.98 -10.95 117.61
N THR B 37 61.06 -10.19 118.23
CA THR B 37 59.92 -9.56 117.56
C THR B 37 60.43 -8.49 116.59
N SER B 38 61.43 -7.70 117.02
CA SER B 38 62.02 -6.64 116.19
C SER B 38 62.59 -7.17 114.87
N GLN B 39 63.25 -8.35 114.90
CA GLN B 39 63.82 -9.01 113.71
C GLN B 39 62.70 -9.51 112.79
N ILE B 40 61.65 -10.15 113.36
CA ILE B 40 60.48 -10.61 112.60
C ILE B 40 59.82 -9.40 111.89
N HIS B 41 59.70 -8.24 112.62
CA HIS B 41 59.15 -7.01 112.04
C HIS B 41 59.99 -6.51 110.87
N SER B 42 61.33 -6.50 111.01
CA SER B 42 62.27 -6.07 109.95
C SER B 42 62.14 -6.94 108.69
N ASP B 43 62.05 -8.27 108.87
CA ASP B 43 61.91 -9.23 107.77
C ASP B 43 60.58 -9.08 107.04
N THR B 44 59.45 -8.97 107.78
CA THR B 44 58.11 -8.80 107.21
C THR B 44 58.03 -7.44 106.51
N ILE B 45 58.60 -6.39 107.13
CA ILE B 45 58.58 -5.06 106.50
C ILE B 45 59.23 -5.14 105.08
N LEU B 46 60.42 -5.79 104.99
CA LEU B 46 61.13 -5.98 103.72
C LEU B 46 60.31 -6.77 102.74
N ARG B 47 59.63 -7.86 103.18
CA ARG B 47 58.78 -8.68 102.30
C ARG B 47 57.59 -7.86 101.78
N ILE B 48 56.98 -7.03 102.67
CA ILE B 48 55.86 -6.14 102.30
C ILE B 48 56.32 -5.10 101.29
N THR B 49 57.55 -4.57 101.47
CA THR B 49 58.16 -3.59 100.57
C THR B 49 58.33 -4.20 99.16
N GLN B 50 58.81 -5.46 99.09
CA GLN B 50 58.97 -6.21 97.84
C GLN B 50 57.58 -6.46 97.20
N GLY B 51 56.59 -6.84 98.02
CA GLY B 51 55.23 -7.09 97.57
C GLY B 51 54.56 -5.85 97.00
N LEU B 52 54.71 -4.72 97.71
CA LEU B 52 54.15 -3.43 97.29
C LEU B 52 54.81 -2.94 96.00
N ASP B 53 56.13 -3.18 95.84
CA ASP B 53 56.85 -2.81 94.63
C ASP B 53 56.32 -3.63 93.45
N ASP B 54 56.09 -4.96 93.64
CA ASP B 54 55.55 -5.85 92.62
C ASP B 54 54.17 -5.32 92.17
N ALA B 55 53.32 -4.95 93.15
CA ALA B 55 51.98 -4.39 92.94
C ALA B 55 52.03 -3.11 92.10
N ASN B 56 52.94 -2.18 92.43
CA ASN B 56 53.08 -0.91 91.71
C ASN B 56 53.48 -1.08 90.25
N LYS B 57 54.45 -2.00 89.96
CA LYS B 57 54.87 -2.30 88.59
C LYS B 57 53.69 -2.81 87.76
N ARG B 58 52.90 -3.73 88.36
CA ARG B 58 51.75 -4.34 87.72
C ARG B 58 50.61 -3.34 87.51
N ILE B 59 50.46 -2.33 88.42
CA ILE B 59 49.44 -1.27 88.33
C ILE B 59 49.77 -0.36 87.13
N ILE B 60 51.05 0.06 87.00
CA ILE B 60 51.57 0.93 85.93
C ILE B 60 51.30 0.26 84.59
N ALA B 61 51.64 -1.05 84.45
CA ALA B 61 51.38 -1.80 83.23
C ALA B 61 49.86 -1.86 82.88
N LEU B 62 48.99 -2.06 83.89
CA LEU B 62 47.53 -2.12 83.68
C LEU B 62 46.98 -0.78 83.23
N GLU B 63 47.49 0.31 83.79
CA GLU B 63 47.13 1.69 83.43
C GLU B 63 47.46 1.98 81.97
N GLN B 64 48.63 1.50 81.50
CA GLN B 64 49.07 1.70 80.13
C GLN B 64 48.27 0.83 79.17
N SER B 65 47.93 -0.42 79.60
CA SER B 65 47.09 -1.31 78.81
C SER B 65 45.69 -0.74 78.70
N ARG B 66 45.20 -0.13 79.79
CA ARG B 66 43.88 0.49 79.82
C ARG B 66 43.87 1.68 78.82
N ASP B 67 44.93 2.52 78.82
CA ASP B 67 45.00 3.65 77.88
C ASP B 67 44.96 3.20 76.42
N ASP B 68 45.68 2.12 76.10
CA ASP B 68 45.71 1.55 74.76
C ASP B 68 44.36 0.99 74.33
N LEU B 69 43.64 0.36 75.29
CA LEU B 69 42.31 -0.21 75.05
C LEU B 69 41.28 0.90 74.82
N VAL B 70 41.38 2.00 75.59
CA VAL B 70 40.49 3.16 75.40
C VAL B 70 40.66 3.68 73.97
N ALA B 71 41.93 3.87 73.53
CA ALA B 71 42.26 4.35 72.19
C ALA B 71 41.78 3.36 71.11
N SER B 72 42.00 2.06 71.30
CA SER B 72 41.58 1.07 70.33
C SER B 72 40.03 0.92 70.28
N VAL B 73 39.37 0.99 71.44
CA VAL B 73 37.90 0.92 71.48
C VAL B 73 37.30 2.14 70.79
N SER B 74 37.82 3.35 71.11
CA SER B 74 37.39 4.62 70.48
C SER B 74 37.53 4.57 68.95
N ASP B 75 38.65 3.99 68.43
CA ASP B 75 38.87 3.84 66.99
C ASP B 75 37.84 2.90 66.39
N ALA B 76 37.55 1.79 67.10
CA ALA B 76 36.56 0.82 66.66
C ALA B 76 35.13 1.43 66.65
N GLN B 77 34.79 2.29 67.65
CA GLN B 77 33.48 2.94 67.73
C GLN B 77 33.28 3.92 66.60
N LEU B 78 34.34 4.68 66.26
CA LEU B 78 34.38 5.63 65.16
C LEU B 78 34.22 4.91 63.82
N ALA B 79 34.88 3.74 63.67
CA ALA B 79 34.80 2.92 62.47
C ALA B 79 33.41 2.31 62.33
N ILE B 80 32.77 1.93 63.47
CA ILE B 80 31.42 1.37 63.47
C ILE B 80 30.38 2.44 63.02
N SER B 81 30.48 3.68 63.57
CA SER B 81 29.53 4.74 63.21
C SER B 81 29.68 5.14 61.71
N ARG B 82 30.91 5.07 61.16
CA ARG B 82 31.17 5.32 59.74
C ARG B 82 30.49 4.24 58.89
N LEU B 83 30.63 2.94 59.26
CA LEU B 83 29.97 1.83 58.54
C LEU B 83 28.44 1.97 58.57
N GLU B 84 27.88 2.38 59.71
CA GLU B 84 26.45 2.59 59.91
C GLU B 84 25.89 3.66 58.94
N SER B 85 26.65 4.75 58.73
CA SER B 85 26.31 5.84 57.81
C SER B 85 26.38 5.35 56.35
N SER B 86 27.46 4.60 56.00
CA SER B 86 27.67 4.00 54.67
C SER B 86 26.56 3.02 54.31
N ILE B 87 26.16 2.12 55.26
CA ILE B 87 25.08 1.14 55.07
C ILE B 87 23.72 1.84 54.89
N GLY B 88 23.46 2.86 55.70
CA GLY B 88 22.25 3.66 55.61
C GLY B 88 22.12 4.36 54.27
N ALA B 89 23.24 4.95 53.77
CA ALA B 89 23.30 5.65 52.49
C ALA B 89 23.18 4.67 51.31
N LEU B 90 23.81 3.49 51.39
CA LEU B 90 23.77 2.47 50.36
C LEU B 90 22.36 1.90 50.23
N GLN B 91 21.69 1.63 51.37
CA GLN B 91 20.30 1.13 51.40
C GLN B 91 19.36 2.12 50.67
N THR B 92 19.57 3.45 50.86
CA THR B 92 18.82 4.53 50.24
C THR B 92 18.93 4.45 48.70
N VAL B 93 20.18 4.34 48.19
CA VAL B 93 20.52 4.23 46.76
C VAL B 93 19.93 2.94 46.16
N VAL B 94 20.11 1.80 46.84
CA VAL B 94 19.61 0.48 46.41
C VAL B 94 18.08 0.46 46.26
N ASN B 95 17.35 1.07 47.21
CA ASN B 95 15.89 1.18 47.18
C ASN B 95 15.43 2.06 46.00
N GLY B 96 16.21 3.11 45.70
CA GLY B 96 15.98 4.00 44.58
C GLY B 96 16.22 3.29 43.26
N LEU B 97 17.30 2.47 43.19
CA LEU B 97 17.64 1.66 42.02
C LEU B 97 16.59 0.60 41.76
N ASP B 98 16.06 -0.02 42.83
CA ASP B 98 15.01 -1.04 42.77
C ASP B 98 13.72 -0.45 42.20
N SER B 99 13.42 0.80 42.60
CA SER B 99 12.27 1.56 42.16
C SER B 99 12.43 1.91 40.66
N SER B 100 13.67 2.24 40.25
CA SER B 100 14.06 2.60 38.89
C SER B 100 13.97 1.38 37.94
N VAL B 101 14.44 0.19 38.38
CA VAL B 101 14.39 -1.07 37.63
C VAL B 101 12.94 -1.54 37.45
N THR B 102 12.07 -1.34 38.46
CA THR B 102 10.65 -1.72 38.42
C THR B 102 9.88 -0.92 37.36
N GLN B 103 10.09 0.42 37.32
CA GLN B 103 9.46 1.32 36.35
C GLN B 103 9.95 0.98 34.93
N LEU B 104 11.25 0.66 34.79
CA LEU B 104 11.90 0.27 33.54
C LEU B 104 11.32 -1.05 33.02
N GLY B 105 11.16 -2.03 33.90
CA GLY B 105 10.59 -3.33 33.60
C GLY B 105 9.15 -3.25 33.09
N ALA B 106 8.40 -2.22 33.56
CA ALA B 106 7.03 -1.94 33.16
C ALA B 106 7.00 -1.27 31.78
N ARG B 107 7.96 -0.36 31.52
CA ARG B 107 8.11 0.34 30.24
C ARG B 107 8.51 -0.67 29.16
N VAL B 108 9.48 -1.56 29.48
CA VAL B 108 9.99 -2.63 28.60
C VAL B 108 8.84 -3.56 28.14
N GLY B 109 7.96 -3.92 29.08
CA GLY B 109 6.79 -4.76 28.82
C GLY B 109 5.77 -4.12 27.91
N GLN B 110 5.64 -2.77 27.99
CA GLN B 110 4.73 -1.97 27.17
C GLN B 110 5.30 -1.85 25.74
N LEU B 111 6.64 -1.75 25.62
CA LEU B 111 7.35 -1.68 24.35
C LEU B 111 7.23 -3.01 23.60
N GLU B 112 7.31 -4.14 24.34
CA GLU B 112 7.18 -5.49 23.80
C GLU B 112 5.78 -5.74 23.24
N THR B 113 4.73 -5.33 24.00
CA THR B 113 3.32 -5.47 23.56
C THR B 113 2.98 -4.51 22.41
N GLY B 114 3.74 -3.42 22.30
CA GLY B 114 3.60 -2.41 21.26
C GLY B 114 4.22 -2.85 19.95
N LEU B 115 5.47 -3.38 20.01
CA LEU B 115 6.23 -3.88 18.86
C LEU B 115 5.56 -5.14 18.27
N ALA B 116 4.92 -5.97 19.12
CA ALA B 116 4.18 -7.17 18.69
C ALA B 116 2.87 -6.77 18.01
N GLU B 117 2.30 -5.61 18.41
CA GLU B 117 1.07 -5.04 17.84
C GLU B 117 1.37 -4.41 16.47
N LEU B 118 2.53 -3.73 16.34
CA LEU B 118 2.96 -3.11 15.09
C LEU B 118 3.34 -4.17 14.05
N ARG B 119 4.04 -5.25 14.47
CA ARG B 119 4.44 -6.37 13.60
C ARG B 119 3.21 -7.04 12.97
N VAL B 120 2.14 -7.25 13.77
CA VAL B 120 0.86 -7.83 13.32
C VAL B 120 0.20 -6.90 12.30
N ASP B 121 0.12 -5.58 12.64
CA ASP B 121 -0.44 -4.53 11.80
C ASP B 121 0.30 -4.34 10.48
N HIS B 122 1.64 -4.46 10.49
CA HIS B 122 2.48 -4.33 9.29
C HIS B 122 2.30 -5.54 8.37
N ASP B 123 2.32 -6.77 8.93
CA ASP B 123 2.16 -8.01 8.18
C ASP B 123 0.77 -8.17 7.53
N ASN B 124 -0.26 -7.50 8.10
CA ASN B 124 -1.62 -7.47 7.59
C ASN B 124 -1.74 -6.45 6.45
N LEU B 125 -0.86 -5.44 6.45
CA LEU B 125 -0.80 -4.41 5.41
C LEU B 125 0.03 -4.94 4.24
N VAL B 126 1.05 -5.79 4.54
CA VAL B 126 1.91 -6.43 3.55
C VAL B 126 1.07 -7.38 2.67
N ALA B 127 0.06 -8.04 3.29
CA ALA B 127 -0.90 -8.94 2.63
C ALA B 127 -1.85 -8.14 1.72
N ARG B 128 -2.24 -6.92 2.15
CA ARG B 128 -3.12 -6.00 1.41
C ARG B 128 -2.40 -5.41 0.20
N VAL B 129 -1.08 -5.15 0.30
CA VAL B 129 -0.26 -4.63 -0.78
C VAL B 129 0.04 -5.77 -1.78
N ASP B 130 0.16 -7.02 -1.28
CA ASP B 130 0.41 -8.23 -2.07
C ASP B 130 -0.75 -8.50 -3.04
N THR B 131 -1.99 -8.27 -2.59
CA THR B 131 -3.19 -8.45 -3.41
C THR B 131 -3.41 -7.26 -4.34
N ALA B 132 -3.13 -6.03 -3.85
CA ALA B 132 -3.27 -4.79 -4.62
C ALA B 132 -2.32 -4.73 -5.83
N GLU B 133 -1.07 -5.25 -5.67
CA GLU B 133 -0.05 -5.31 -6.74
C GLU B 133 -0.48 -6.29 -7.84
N ARG B 134 -1.14 -7.39 -7.43
CA ARG B 134 -1.67 -8.46 -8.27
C ARG B 134 -2.89 -7.91 -9.03
N ASN B 135 -3.68 -7.03 -8.38
CA ASN B 135 -4.85 -6.37 -8.96
C ASN B 135 -4.41 -5.36 -10.00
N ILE B 136 -3.36 -4.56 -9.71
CA ILE B 136 -2.80 -3.56 -10.63
C ILE B 136 -2.20 -4.22 -11.88
N GLY B 137 -1.57 -5.38 -11.70
CA GLY B 137 -0.98 -6.17 -12.77
C GLY B 137 -2.01 -6.76 -13.72
N SER B 138 -3.14 -7.24 -13.16
CA SER B 138 -4.26 -7.80 -13.91
C SER B 138 -5.00 -6.69 -14.67
N LEU B 139 -5.08 -5.49 -14.05
CA LEU B 139 -5.72 -4.31 -14.64
C LEU B 139 -4.87 -3.71 -15.76
N THR B 140 -3.52 -3.87 -15.69
CA THR B 140 -2.59 -3.39 -16.73
C THR B 140 -2.75 -4.27 -17.98
N THR B 141 -2.99 -5.58 -17.79
CA THR B 141 -3.19 -6.59 -18.82
C THR B 141 -4.54 -6.35 -19.54
N GLU B 142 -5.64 -6.25 -18.77
CA GLU B 142 -6.99 -6.03 -19.28
C GLU B 142 -7.12 -4.71 -20.06
N LEU B 143 -6.44 -3.64 -19.60
CA LEU B 143 -6.44 -2.34 -20.30
C LEU B 143 -5.62 -2.41 -21.59
N SER B 144 -4.50 -3.18 -21.60
CA SER B 144 -3.63 -3.36 -22.77
C SER B 144 -4.34 -4.18 -23.86
N THR B 145 -5.12 -5.21 -23.47
CA THR B 145 -5.89 -6.08 -24.34
C THR B 145 -7.01 -5.27 -25.04
N LEU B 146 -7.76 -4.47 -24.25
CA LEU B 146 -8.85 -3.61 -24.73
C LEU B 146 -8.33 -2.52 -25.70
N THR B 147 -7.14 -1.95 -25.43
CA THR B 147 -6.52 -0.92 -26.26
C THR B 147 -6.22 -1.47 -27.67
N LEU B 148 -5.68 -2.71 -27.74
CA LEU B 148 -5.39 -3.38 -29.01
C LEU B 148 -6.68 -3.74 -29.75
N ARG B 149 -7.71 -4.21 -29.01
CA ARG B 149 -9.04 -4.57 -29.53
C ARG B 149 -9.73 -3.35 -30.15
N VAL B 150 -9.71 -2.19 -29.45
CA VAL B 150 -10.29 -0.92 -29.91
C VAL B 150 -9.63 -0.50 -31.24
N THR B 151 -8.27 -0.55 -31.30
CA THR B 151 -7.45 -0.23 -32.49
C THR B 151 -7.85 -1.16 -33.66
N SER B 152 -8.05 -2.46 -33.38
CA SER B 152 -8.43 -3.47 -34.36
C SER B 152 -9.83 -3.18 -34.96
N ILE B 153 -10.80 -2.85 -34.10
CA ILE B 153 -12.18 -2.48 -34.43
C ILE B 153 -12.18 -1.18 -35.24
N GLN B 154 -11.38 -0.19 -34.80
CA GLN B 154 -11.26 1.11 -35.49
C GLN B 154 -10.69 0.95 -36.90
N ALA B 155 -9.65 0.08 -37.05
CA ALA B 155 -8.99 -0.18 -38.34
C ALA B 155 -9.88 -0.99 -39.29
N ASP B 156 -10.62 -1.98 -38.76
CA ASP B 156 -11.50 -2.83 -39.56
C ASP B 156 -12.71 -2.04 -40.04
N PHE B 157 -13.38 -1.31 -39.13
CA PHE B 157 -14.54 -0.51 -39.44
C PHE B 157 -14.21 0.66 -40.35
N GLU B 158 -13.08 1.36 -40.10
CA GLU B 158 -12.65 2.49 -40.94
C GLU B 158 -12.55 2.04 -42.40
N SER B 159 -11.86 0.90 -42.65
CA SER B 159 -11.67 0.34 -43.99
C SER B 159 -13.02 0.01 -44.64
N ARG B 160 -13.86 -0.75 -43.94
CA ARG B 160 -15.19 -1.16 -44.40
C ARG B 160 -16.14 0.00 -44.68
N ILE B 161 -16.18 1.01 -43.77
CA ILE B 161 -17.02 2.19 -43.93
C ILE B 161 -16.58 3.02 -45.13
N SER B 162 -15.27 3.34 -45.24
CA SER B 162 -14.74 4.12 -46.36
C SER B 162 -14.84 3.41 -47.72
N THR B 163 -14.92 2.07 -47.71
CA THR B 163 -15.13 1.28 -48.94
C THR B 163 -16.58 1.50 -49.41
N LEU B 164 -17.55 1.46 -48.46
CA LEU B 164 -18.96 1.71 -48.74
C LEU B 164 -19.19 3.17 -49.16
N GLU B 165 -18.52 4.12 -48.50
CA GLU B 165 -18.61 5.55 -48.82
C GLU B 165 -18.13 5.87 -50.23
N ARG B 166 -17.14 5.13 -50.70
CA ARG B 166 -16.53 5.32 -52.01
C ARG B 166 -17.34 4.65 -53.15
N THR B 167 -17.94 3.47 -52.89
CA THR B 167 -18.59 2.67 -53.91
C THR B 167 -20.13 2.61 -53.92
N ALA B 168 -20.79 2.87 -52.77
CA ALA B 168 -22.26 2.83 -52.68
C ALA B 168 -22.92 3.91 -53.52
N VAL B 169 -24.06 3.57 -54.15
CA VAL B 169 -24.85 4.51 -54.93
C VAL B 169 -25.69 5.32 -53.92
N THR B 170 -25.53 6.66 -53.92
CA THR B 170 -26.23 7.55 -52.99
C THR B 170 -27.08 8.61 -53.70
N SER B 171 -26.94 8.71 -55.04
CA SER B 171 -27.72 9.61 -55.90
C SER B 171 -27.89 9.01 -57.32
N ALA B 172 -28.93 9.47 -58.02
CA ALA B 172 -29.25 9.01 -59.37
C ALA B 172 -29.82 10.14 -60.22
N GLY B 173 -29.50 10.11 -61.52
CA GLY B 173 -30.04 11.07 -62.48
C GLY B 173 -31.31 10.53 -63.11
N ALA B 174 -32.24 11.45 -63.50
CA ALA B 174 -33.53 11.14 -64.14
C ALA B 174 -33.33 10.27 -65.40
N PRO B 175 -34.18 9.25 -65.68
CA PRO B 175 -35.44 8.90 -65.00
C PRO B 175 -35.31 8.06 -63.74
N LEU B 176 -34.08 7.85 -63.27
CA LEU B 176 -33.87 7.11 -62.03
C LEU B 176 -34.08 8.08 -60.85
N SER B 177 -34.78 7.62 -59.83
CA SER B 177 -35.00 8.43 -58.64
C SER B 177 -34.97 7.54 -57.41
N ILE B 178 -34.39 8.07 -56.32
CA ILE B 178 -34.26 7.38 -55.04
C ILE B 178 -35.15 8.05 -54.00
N ARG B 179 -35.89 7.22 -53.25
CA ARG B 179 -36.76 7.63 -52.14
C ARG B 179 -36.65 6.52 -51.11
N ASN B 180 -36.18 6.86 -49.87
CA ASN B 180 -36.02 5.95 -48.73
C ASN B 180 -35.24 4.67 -49.11
N ASN B 181 -34.01 4.88 -49.66
CA ASN B 181 -33.07 3.83 -50.10
C ASN B 181 -33.56 2.95 -51.25
N ARG B 182 -34.67 3.33 -51.90
CA ARG B 182 -35.27 2.55 -52.97
C ARG B 182 -35.18 3.30 -54.29
N MET B 183 -34.64 2.65 -55.31
CA MET B 183 -34.55 3.24 -56.63
C MET B 183 -35.70 2.79 -57.55
N THR B 184 -36.37 3.76 -58.16
CA THR B 184 -37.43 3.50 -59.12
C THR B 184 -37.09 4.22 -60.43
N MET B 185 -37.79 3.83 -61.50
CA MET B 185 -37.62 4.44 -62.80
C MET B 185 -38.99 4.97 -63.31
N GLY B 186 -39.09 6.27 -63.50
CA GLY B 186 -40.29 6.92 -64.01
C GLY B 186 -40.49 6.68 -65.50
N LEU B 187 -41.69 6.23 -65.90
CA LEU B 187 -41.95 5.91 -67.30
C LEU B 187 -43.10 6.72 -67.88
N ASN B 188 -42.94 7.26 -69.08
CA ASN B 188 -44.03 7.96 -69.77
C ASN B 188 -44.84 6.93 -70.55
N ASP B 189 -46.06 7.31 -71.00
CA ASP B 189 -46.91 6.47 -71.84
C ASP B 189 -46.07 6.06 -73.08
N GLY B 190 -46.12 4.78 -73.41
CA GLY B 190 -45.32 4.21 -74.49
C GLY B 190 -44.29 3.23 -73.92
N LEU B 191 -43.91 3.43 -72.66
CA LEU B 191 -43.01 2.54 -71.92
C LEU B 191 -43.71 1.94 -70.72
N THR B 192 -43.63 0.63 -70.59
CA THR B 192 -44.28 -0.09 -69.49
C THR B 192 -43.44 -1.30 -69.06
N LEU B 193 -44.07 -2.22 -68.33
CA LEU B 193 -43.48 -3.46 -67.81
C LEU B 193 -44.22 -4.70 -68.30
N SER B 194 -43.46 -5.70 -68.76
CA SER B 194 -43.94 -7.03 -69.13
C SER B 194 -43.16 -7.94 -68.17
N GLY B 195 -43.78 -8.23 -67.02
CA GLY B 195 -43.17 -9.00 -65.94
C GLY B 195 -42.28 -8.06 -65.18
N ASN B 196 -40.96 -8.33 -65.19
CA ASN B 196 -40.01 -7.42 -64.57
C ASN B 196 -39.23 -6.63 -65.61
N ASN B 197 -39.56 -6.81 -66.91
CA ASN B 197 -38.85 -6.19 -68.03
C ASN B 197 -39.45 -4.93 -68.59
N LEU B 198 -38.57 -3.99 -69.00
CA LEU B 198 -38.99 -2.76 -69.64
C LEU B 198 -39.52 -3.12 -71.02
N ALA B 199 -40.75 -2.68 -71.32
CA ALA B 199 -41.46 -2.96 -72.57
C ALA B 199 -41.97 -1.70 -73.27
N ILE B 200 -42.23 -1.80 -74.57
CA ILE B 200 -42.85 -0.73 -75.34
C ILE B 200 -44.36 -1.03 -75.32
N ARG B 201 -45.19 -0.01 -75.05
CA ARG B 201 -46.65 -0.12 -75.02
C ARG B 201 -47.23 0.34 -76.32
N LEU B 202 -47.98 -0.57 -76.97
CA LEU B 202 -48.63 -0.32 -78.26
C LEU B 202 -50.14 -0.51 -78.11
N PRO B 203 -50.90 0.53 -77.66
CA PRO B 203 -52.36 0.36 -77.49
C PRO B 203 -53.12 0.15 -78.78
N GLY B 204 -54.11 -0.74 -78.71
CA GLY B 204 -54.98 -1.06 -79.82
C GLY B 204 -54.26 -1.77 -80.96
N ASN B 205 -54.82 -1.66 -82.15
CA ASN B 205 -54.29 -2.22 -83.37
C ASN B 205 -54.04 -1.10 -84.39
N THR B 206 -52.80 -0.55 -84.41
CA THR B 206 -52.47 0.54 -85.35
C THR B 206 -51.48 0.15 -86.45
N GLY B 207 -51.09 -1.13 -86.50
CA GLY B 207 -50.10 -1.60 -87.45
C GLY B 207 -48.74 -1.82 -86.81
N LEU B 208 -48.60 -1.43 -85.54
CA LEU B 208 -47.36 -1.64 -84.75
C LEU B 208 -47.50 -2.89 -83.90
N ASN B 209 -46.43 -3.66 -83.86
CA ASN B 209 -46.42 -4.88 -83.08
C ASN B 209 -45.02 -5.27 -82.63
N ILE B 210 -44.92 -5.92 -81.48
CA ILE B 210 -43.67 -6.48 -80.99
C ILE B 210 -43.66 -7.91 -81.56
N GLN B 211 -42.81 -8.14 -82.58
CA GLN B 211 -42.70 -9.42 -83.31
C GLN B 211 -41.29 -9.51 -83.89
N ASN B 212 -40.81 -10.77 -84.13
CA ASN B 212 -39.46 -11.02 -84.66
C ASN B 212 -38.35 -10.33 -83.84
N GLY B 213 -38.53 -10.28 -82.52
CA GLY B 213 -37.56 -9.71 -81.58
C GLY B 213 -37.68 -8.22 -81.22
N GLY B 214 -38.58 -7.49 -81.84
CA GLY B 214 -38.75 -6.07 -81.52
C GLY B 214 -39.89 -5.37 -82.23
N LEU B 215 -39.79 -4.04 -82.31
CA LEU B 215 -40.83 -3.21 -82.93
C LEU B 215 -40.80 -3.24 -84.46
N GLN B 216 -41.93 -3.69 -85.05
CA GLN B 216 -42.14 -3.74 -86.48
C GLN B 216 -43.46 -3.11 -86.87
N PHE B 217 -43.51 -2.61 -88.11
CA PHE B 217 -44.69 -2.07 -88.71
C PHE B 217 -45.23 -3.16 -89.61
N ARG B 218 -46.55 -3.34 -89.62
CA ARG B 218 -47.24 -4.37 -90.40
C ARG B 218 -48.09 -3.74 -91.46
N PHE B 219 -48.13 -4.39 -92.61
CA PHE B 219 -48.92 -3.90 -93.74
C PHE B 219 -49.43 -5.07 -94.56
N ASN B 220 -50.45 -4.80 -95.39
CA ASN B 220 -51.01 -5.78 -96.32
C ASN B 220 -49.94 -5.98 -97.41
N THR B 221 -49.37 -7.20 -97.49
CA THR B 221 -48.30 -7.56 -98.43
C THR B 221 -48.69 -7.59 -99.93
N ASP B 222 -50.01 -7.58 -100.22
CA ASP B 222 -50.53 -7.51 -101.58
C ASP B 222 -50.67 -6.07 -102.10
N GLN B 223 -50.68 -5.08 -101.17
CA GLN B 223 -50.86 -3.66 -101.56
C GLN B 223 -49.63 -2.84 -101.27
N PHE B 224 -48.84 -3.25 -100.27
CA PHE B 224 -47.65 -2.53 -99.86
C PHE B 224 -46.39 -3.41 -99.87
N GLN B 225 -45.25 -2.75 -99.98
CA GLN B 225 -43.93 -3.38 -99.91
C GLN B 225 -42.96 -2.37 -99.34
N ILE B 226 -41.79 -2.85 -98.92
CA ILE B 226 -40.71 -2.02 -98.37
C ILE B 226 -39.57 -2.00 -99.37
N VAL B 227 -39.13 -0.82 -99.76
CA VAL B 227 -38.01 -0.66 -100.68
C VAL B 227 -37.16 0.43 -100.09
N ASN B 228 -35.90 0.11 -99.76
CA ASN B 228 -34.93 0.96 -99.06
C ASN B 228 -35.50 1.44 -97.73
N ASN B 229 -36.18 0.54 -97.01
CA ASN B 229 -36.84 0.81 -95.73
C ASN B 229 -37.92 1.92 -95.80
N ASN B 230 -38.59 2.03 -96.95
CA ASN B 230 -39.66 3.02 -97.15
C ASN B 230 -40.94 2.32 -97.55
N LEU B 231 -42.07 2.69 -96.90
CA LEU B 231 -43.37 2.17 -97.27
C LEU B 231 -43.67 2.61 -98.71
N THR B 232 -44.05 1.65 -99.54
CA THR B 232 -44.29 1.84 -100.98
C THR B 232 -45.54 1.13 -101.40
N LEU B 233 -46.29 1.73 -102.33
CA LEU B 233 -47.46 1.09 -102.89
C LEU B 233 -47.02 0.07 -103.94
N LYS B 234 -47.55 -1.18 -103.88
CA LYS B 234 -47.23 -2.18 -104.91
C LYS B 234 -47.87 -1.75 -106.24
N THR B 235 -47.16 -1.93 -107.38
CA THR B 235 -47.64 -1.55 -108.73
C THR B 235 -48.99 -2.17 -109.11
N THR B 236 -49.25 -3.40 -108.62
CA THR B 236 -50.47 -4.18 -108.86
C THR B 236 -51.77 -3.56 -108.31
N VAL B 237 -51.67 -2.54 -107.42
CA VAL B 237 -52.82 -1.86 -106.81
C VAL B 237 -53.64 -1.06 -107.85
N PHE B 238 -52.95 -0.48 -108.86
CA PHE B 238 -53.56 0.34 -109.92
C PHE B 238 -54.18 -0.43 -111.11
N ASP B 239 -53.55 -1.57 -111.52
CA ASP B 239 -53.96 -2.45 -112.64
C ASP B 239 -55.46 -2.38 -113.02
N GLY C 26 75.47 -2.51 128.49
CA GLY C 26 74.59 -3.64 128.77
C GLY C 26 73.20 -3.45 128.20
N LEU C 27 72.17 -3.61 129.06
CA LEU C 27 70.76 -3.45 128.67
C LEU C 27 70.46 -2.07 128.11
N GLU C 28 71.06 -0.99 128.66
CA GLU C 28 70.87 0.39 128.18
C GLU C 28 71.19 0.48 126.67
N SER C 29 72.29 -0.16 126.22
CA SER C 29 72.70 -0.17 124.81
C SER C 29 71.73 -1.03 123.95
N ARG C 30 71.29 -2.20 124.49
CA ARG C 30 70.33 -3.13 123.86
C ARG C 30 68.96 -2.45 123.68
N VAL C 31 68.45 -1.80 124.75
CA VAL C 31 67.19 -1.05 124.75
C VAL C 31 67.32 0.13 123.78
N SER C 32 68.49 0.83 123.80
CA SER C 32 68.78 1.97 122.91
C SER C 32 68.75 1.54 121.45
N ALA C 33 69.29 0.34 121.15
CA ALA C 33 69.30 -0.26 119.81
C ALA C 33 67.86 -0.55 119.39
N LEU C 34 67.08 -1.18 120.30
CA LEU C 34 65.66 -1.52 120.11
C LEU C 34 64.84 -0.26 119.82
N GLU C 35 65.12 0.85 120.56
CA GLU C 35 64.47 2.15 120.38
C GLU C 35 64.75 2.75 119.01
N LYS C 36 66.00 2.59 118.51
CA LYS C 36 66.43 3.11 117.22
C LYS C 36 65.72 2.36 116.07
N THR C 37 65.72 1.01 116.14
CA THR C 37 65.07 0.15 115.16
C THR C 37 63.54 0.39 115.18
N SER C 38 62.95 0.54 116.39
CA SER C 38 61.52 0.77 116.61
C SER C 38 61.07 2.06 115.96
N GLN C 39 61.89 3.12 116.02
CA GLN C 39 61.59 4.40 115.40
C GLN C 39 61.67 4.30 113.86
N ILE C 40 62.61 3.49 113.34
CA ILE C 40 62.77 3.27 111.90
C ILE C 40 61.53 2.51 111.38
N HIS C 41 61.07 1.50 112.14
CA HIS C 41 59.89 0.69 111.84
C HIS C 41 58.63 1.54 111.75
N SER C 42 58.41 2.45 112.72
CA SER C 42 57.25 3.37 112.68
C SER C 42 57.23 4.20 111.39
N ASP C 43 58.38 4.80 111.03
CA ASP C 43 58.51 5.63 109.82
C ASP C 43 58.29 4.84 108.54
N THR C 44 58.85 3.63 108.43
CA THR C 44 58.68 2.78 107.25
C THR C 44 57.23 2.31 107.17
N ILE C 45 56.63 1.92 108.32
CA ILE C 45 55.23 1.47 108.41
C ILE C 45 54.31 2.54 107.84
N LEU C 46 54.49 3.81 108.28
CA LEU C 46 53.69 4.93 107.78
C LEU C 46 53.84 5.11 106.25
N ARG C 47 55.07 5.00 105.72
CA ARG C 47 55.34 5.12 104.28
C ARG C 47 54.68 3.98 103.49
N ILE C 48 54.73 2.74 104.04
CA ILE C 48 54.09 1.56 103.44
C ILE C 48 52.56 1.75 103.42
N THR C 49 51.96 2.24 104.53
CA THR C 49 50.52 2.48 104.60
C THR C 49 50.13 3.49 103.53
N GLN C 50 50.95 4.54 103.35
CA GLN C 50 50.76 5.56 102.33
C GLN C 50 50.80 4.96 100.93
N GLY C 51 51.76 4.08 100.70
CA GLY C 51 51.93 3.40 99.42
C GLY C 51 50.79 2.46 99.14
N LEU C 52 50.39 1.66 100.15
CA LEU C 52 49.25 0.74 100.00
C LEU C 52 47.96 1.53 99.71
N ASP C 53 47.76 2.64 100.42
CA ASP C 53 46.58 3.49 100.20
C ASP C 53 46.52 4.01 98.77
N ASP C 54 47.67 4.44 98.24
CA ASP C 54 47.79 4.95 96.88
C ASP C 54 47.55 3.87 95.84
N ALA C 55 48.10 2.66 96.08
CA ALA C 55 47.89 1.49 95.22
C ALA C 55 46.38 1.11 95.17
N ASN C 56 45.69 1.15 96.32
CA ASN C 56 44.25 0.87 96.45
C ASN C 56 43.39 1.84 95.62
N LYS C 57 43.72 3.14 95.68
CA LYS C 57 43.05 4.18 94.90
C LYS C 57 43.23 3.95 93.39
N ARG C 58 44.44 3.52 92.98
CA ARG C 58 44.73 3.26 91.57
C ARG C 58 44.02 2.00 91.07
N ILE C 59 43.88 1.00 91.95
CA ILE C 59 43.14 -0.22 91.65
C ILE C 59 41.66 0.09 91.41
N ILE C 60 41.07 0.90 92.28
CA ILE C 60 39.67 1.32 92.12
C ILE C 60 39.44 2.00 90.75
N ALA C 61 40.31 2.96 90.39
CA ALA C 61 40.19 3.65 89.11
C ALA C 61 40.29 2.65 87.93
N LEU C 62 41.16 1.62 88.05
CA LEU C 62 41.32 0.61 87.00
C LEU C 62 40.08 -0.28 86.88
N GLU C 63 39.47 -0.66 88.02
CA GLU C 63 38.25 -1.47 88.04
C GLU C 63 37.10 -0.75 87.35
N GLN C 64 37.00 0.58 87.55
CA GLN C 64 35.98 1.46 86.98
C GLN C 64 36.21 1.62 85.49
N SER C 65 37.47 1.85 85.09
CA SER C 65 37.86 1.89 83.68
C SER C 65 37.52 0.53 83.00
N ARG C 66 37.84 -0.58 83.70
CA ARG C 66 37.57 -1.93 83.19
C ARG C 66 36.08 -2.12 82.94
N ASP C 67 35.23 -1.75 83.95
CA ASP C 67 33.77 -1.82 83.82
C ASP C 67 33.29 -1.02 82.61
N ASP C 68 33.81 0.21 82.44
CA ASP C 68 33.45 1.05 81.28
C ASP C 68 33.86 0.43 79.94
N LEU C 69 35.06 -0.21 79.90
CA LEU C 69 35.53 -0.88 78.68
C LEU C 69 34.66 -2.08 78.28
N VAL C 70 34.28 -2.89 79.29
CA VAL C 70 33.42 -4.07 79.11
C VAL C 70 32.09 -3.63 78.48
N ALA C 71 31.50 -2.55 79.03
CA ALA C 71 30.25 -2.01 78.52
C ALA C 71 30.39 -1.52 77.08
N SER C 72 31.48 -0.77 76.79
CA SER C 72 31.67 -0.27 75.43
C SER C 72 32.01 -1.38 74.40
N VAL C 73 32.76 -2.43 74.82
CA VAL C 73 33.09 -3.58 73.95
C VAL C 73 31.83 -4.36 73.64
N SER C 74 30.95 -4.56 74.65
CA SER C 74 29.66 -5.24 74.50
C SER C 74 28.79 -4.51 73.45
N ASP C 75 28.66 -3.18 73.59
CA ASP C 75 27.93 -2.32 72.65
C ASP C 75 28.55 -2.42 71.25
N ALA C 76 29.93 -2.37 71.15
CA ALA C 76 30.61 -2.51 69.84
C ALA C 76 30.30 -3.87 69.17
N GLN C 77 30.32 -4.98 69.94
CA GLN C 77 30.03 -6.33 69.42
C GLN C 77 28.62 -6.43 68.87
N LEU C 78 27.63 -5.84 69.60
CA LEU C 78 26.23 -5.85 69.18
C LEU C 78 26.04 -5.08 67.88
N ALA C 79 26.67 -3.89 67.79
CA ALA C 79 26.63 -3.04 66.60
C ALA C 79 27.28 -3.72 65.40
N ILE C 80 28.42 -4.42 65.60
CA ILE C 80 29.10 -5.18 64.53
C ILE C 80 28.15 -6.28 63.99
N SER C 81 27.56 -7.07 64.90
CA SER C 81 26.62 -8.14 64.61
C SER C 81 25.46 -7.60 63.72
N ARG C 82 24.94 -6.40 64.05
CA ARG C 82 23.87 -5.76 63.27
C ARG C 82 24.37 -5.34 61.88
N LEU C 83 25.62 -4.84 61.80
CA LEU C 83 26.21 -4.44 60.53
C LEU C 83 26.42 -5.68 59.65
N GLU C 84 26.80 -6.83 60.27
CA GLU C 84 26.97 -8.09 59.53
C GLU C 84 25.63 -8.53 58.89
N SER C 85 24.53 -8.49 59.67
CA SER C 85 23.18 -8.82 59.23
C SER C 85 22.70 -7.94 58.09
N SER C 86 22.79 -6.60 58.26
CA SER C 86 22.36 -5.64 57.25
C SER C 86 23.18 -5.70 55.96
N ILE C 87 24.52 -5.94 56.04
CA ILE C 87 25.35 -6.09 54.84
C ILE C 87 24.95 -7.34 54.08
N GLY C 88 24.71 -8.46 54.79
CA GLY C 88 24.27 -9.72 54.21
C GLY C 88 22.94 -9.62 53.47
N ALA C 89 21.95 -8.90 54.08
CA ALA C 89 20.63 -8.69 53.51
C ALA C 89 20.73 -7.80 52.28
N LEU C 90 21.59 -6.78 52.35
CA LEU C 90 21.80 -5.83 51.26
C LEU C 90 22.50 -6.51 50.10
N GLN C 91 23.43 -7.46 50.38
CA GLN C 91 24.13 -8.23 49.35
C GLN C 91 23.12 -9.07 48.55
N THR C 92 22.20 -9.77 49.25
CA THR C 92 21.12 -10.60 48.66
C THR C 92 20.24 -9.75 47.69
N VAL C 93 19.84 -8.53 48.13
CA VAL C 93 19.05 -7.56 47.36
C VAL C 93 19.86 -7.05 46.13
N VAL C 94 21.14 -6.73 46.32
CA VAL C 94 22.01 -6.24 45.22
C VAL C 94 22.26 -7.34 44.16
N ASN C 95 22.25 -8.62 44.61
CA ASN C 95 22.38 -9.80 43.74
C ASN C 95 21.12 -9.94 42.87
N GLY C 96 19.95 -9.78 43.50
CA GLY C 96 18.65 -9.81 42.85
C GLY C 96 18.47 -8.68 41.87
N LEU C 97 19.01 -7.48 42.23
CA LEU C 97 18.98 -6.31 41.35
C LEU C 97 19.87 -6.53 40.13
N ASP C 98 21.09 -7.08 40.34
CA ASP C 98 22.06 -7.37 39.27
C ASP C 98 21.50 -8.29 38.20
N SER C 99 20.77 -9.36 38.61
CA SER C 99 20.15 -10.31 37.71
C SER C 99 19.04 -9.63 36.87
N SER C 100 18.18 -8.80 37.53
CA SER C 100 17.11 -8.02 36.90
C SER C 100 17.64 -7.04 35.84
N VAL C 101 18.77 -6.35 36.14
CA VAL C 101 19.42 -5.41 35.21
C VAL C 101 19.99 -6.18 34.00
N THR C 102 20.44 -7.44 34.23
CA THR C 102 20.96 -8.32 33.15
C THR C 102 19.80 -8.77 32.25
N GLN C 103 18.68 -9.25 32.86
CA GLN C 103 17.47 -9.71 32.17
C GLN C 103 16.85 -8.60 31.32
N LEU C 104 16.81 -7.35 31.86
CA LEU C 104 16.29 -6.16 31.19
C LEU C 104 17.16 -5.75 30.02
N GLY C 105 18.48 -5.92 30.15
CA GLY C 105 19.48 -5.61 29.14
C GLY C 105 19.34 -6.50 27.91
N ALA C 106 18.92 -7.77 28.13
CA ALA C 106 18.68 -8.74 27.08
C ALA C 106 17.39 -8.36 26.35
N ARG C 107 16.32 -8.01 27.12
CA ARG C 107 15.01 -7.58 26.63
C ARG C 107 15.09 -6.28 25.80
N VAL C 108 15.93 -5.31 26.25
CA VAL C 108 16.14 -4.02 25.58
C VAL C 108 16.84 -4.20 24.21
N GLY C 109 17.88 -5.04 24.18
CA GLY C 109 18.64 -5.35 22.97
C GLY C 109 17.81 -6.07 21.93
N GLN C 110 16.84 -6.90 22.38
CA GLN C 110 15.91 -7.64 21.53
C GLN C 110 14.91 -6.65 20.92
N LEU C 111 14.45 -5.66 21.72
CA LEU C 111 13.53 -4.60 21.30
C LEU C 111 14.18 -3.64 20.30
N GLU C 112 15.48 -3.36 20.45
CA GLU C 112 16.24 -2.48 19.58
C GLU C 112 16.46 -3.12 18.21
N THR C 113 16.67 -4.46 18.18
CA THR C 113 16.84 -5.25 16.96
C THR C 113 15.48 -5.32 16.22
N GLY C 114 14.43 -5.67 16.97
CA GLY C 114 13.05 -5.79 16.50
C GLY C 114 12.49 -4.55 15.85
N LEU C 115 12.81 -3.36 16.41
CA LEU C 115 12.37 -2.06 15.88
C LEU C 115 13.14 -1.71 14.61
N ALA C 116 14.47 -1.99 14.59
CA ALA C 116 15.35 -1.72 13.44
C ALA C 116 14.99 -2.62 12.25
N GLU C 117 14.52 -3.84 12.54
CA GLU C 117 14.08 -4.86 11.57
C GLU C 117 12.74 -4.40 10.96
N LEU C 118 11.83 -3.90 11.80
CA LEU C 118 10.50 -3.42 11.42
C LEU C 118 10.57 -2.11 10.64
N ARG C 119 11.55 -1.23 10.92
CA ARG C 119 11.76 0.03 10.21
C ARG C 119 12.25 -0.24 8.79
N VAL C 120 13.05 -1.32 8.61
CA VAL C 120 13.57 -1.76 7.32
C VAL C 120 12.41 -2.35 6.49
N ASP C 121 11.61 -3.24 7.12
CA ASP C 121 10.45 -3.90 6.52
C ASP C 121 9.35 -2.91 6.13
N HIS C 122 9.19 -1.81 6.89
CA HIS C 122 8.22 -0.75 6.61
C HIS C 122 8.69 0.05 5.40
N ASP C 123 9.94 0.56 5.43
CA ASP C 123 10.57 1.35 4.37
C ASP C 123 10.51 0.66 3.00
N ASN C 124 10.69 -0.68 2.98
CA ASN C 124 10.62 -1.52 1.77
C ASN C 124 9.20 -1.60 1.24
N LEU C 125 8.19 -1.72 2.15
CA LEU C 125 6.78 -1.77 1.79
C LEU C 125 6.32 -0.39 1.30
N VAL C 126 6.90 0.71 1.85
CA VAL C 126 6.62 2.08 1.45
C VAL C 126 7.01 2.22 -0.03
N ALA C 127 8.20 1.70 -0.42
CA ALA C 127 8.72 1.70 -1.79
C ALA C 127 7.79 0.92 -2.75
N ARG C 128 7.14 -0.16 -2.25
CA ARG C 128 6.18 -0.97 -3.00
C ARG C 128 4.88 -0.18 -3.22
N VAL C 129 4.49 0.66 -2.24
CA VAL C 129 3.31 1.52 -2.32
C VAL C 129 3.63 2.71 -3.25
N ASP C 130 4.87 3.21 -3.22
CA ASP C 130 5.38 4.30 -4.06
C ASP C 130 5.21 3.98 -5.56
N THR C 131 5.53 2.72 -5.95
CA THR C 131 5.39 2.21 -7.32
C THR C 131 3.91 1.99 -7.65
N ALA C 132 3.14 1.40 -6.70
CA ALA C 132 1.71 1.13 -6.82
C ALA C 132 0.92 2.42 -7.09
N GLU C 133 1.25 3.51 -6.38
CA GLU C 133 0.64 4.84 -6.54
C GLU C 133 0.97 5.43 -7.92
N ARG C 134 2.18 5.12 -8.44
CA ARG C 134 2.68 5.58 -9.74
C ARG C 134 2.07 4.76 -10.89
N ASN C 135 1.75 3.48 -10.62
CA ASN C 135 1.12 2.58 -11.58
C ASN C 135 -0.38 2.89 -11.72
N ILE C 136 -1.07 3.24 -10.60
CA ILE C 136 -2.48 3.61 -10.58
C ILE C 136 -2.67 4.92 -11.36
N GLY C 137 -1.77 5.88 -11.14
CA GLY C 137 -1.76 7.17 -11.83
C GLY C 137 -1.62 7.04 -13.34
N SER C 138 -0.83 6.04 -13.81
CA SER C 138 -0.64 5.77 -15.23
C SER C 138 -1.88 5.08 -15.81
N LEU C 139 -2.42 4.06 -15.09
CA LEU C 139 -3.63 3.32 -15.46
C LEU C 139 -4.85 4.23 -15.56
N THR C 140 -4.96 5.23 -14.66
CA THR C 140 -6.04 6.22 -14.63
C THR C 140 -5.93 7.12 -15.87
N THR C 141 -4.69 7.52 -16.23
CA THR C 141 -4.39 8.37 -17.39
C THR C 141 -4.66 7.62 -18.72
N GLU C 142 -4.15 6.38 -18.84
CA GLU C 142 -4.34 5.54 -20.03
C GLU C 142 -5.79 5.12 -20.26
N LEU C 143 -6.58 4.96 -19.17
CA LEU C 143 -8.01 4.62 -19.27
C LEU C 143 -8.82 5.85 -19.69
N SER C 144 -8.46 7.04 -19.17
CA SER C 144 -9.14 8.31 -19.51
C SER C 144 -8.97 8.66 -20.99
N THR C 145 -7.78 8.39 -21.55
CA THR C 145 -7.46 8.65 -22.97
C THR C 145 -8.17 7.64 -23.89
N LEU C 146 -8.28 6.36 -23.43
CA LEU C 146 -8.95 5.28 -24.17
C LEU C 146 -10.47 5.50 -24.21
N THR C 147 -11.05 6.05 -23.12
CA THR C 147 -12.48 6.35 -23.02
C THR C 147 -12.86 7.47 -24.00
N LEU C 148 -12.01 8.51 -24.08
CA LEU C 148 -12.18 9.65 -24.98
C LEU C 148 -12.03 9.21 -26.43
N ARG C 149 -11.16 8.20 -26.69
CA ARG C 149 -10.89 7.61 -27.99
C ARG C 149 -12.11 6.78 -28.46
N VAL C 150 -12.71 5.97 -27.55
CA VAL C 150 -13.88 5.14 -27.82
C VAL C 150 -15.09 6.02 -28.14
N THR C 151 -15.22 7.16 -27.41
CA THR C 151 -16.29 8.14 -27.61
C THR C 151 -16.13 8.82 -28.99
N SER C 152 -14.88 9.18 -29.34
CA SER C 152 -14.48 9.81 -30.60
C SER C 152 -14.79 8.91 -31.81
N ILE C 153 -14.41 7.61 -31.71
CA ILE C 153 -14.60 6.57 -32.73
C ILE C 153 -16.09 6.30 -32.93
N GLN C 154 -16.87 6.21 -31.83
CA GLN C 154 -18.31 5.95 -31.86
C GLN C 154 -19.09 7.05 -32.58
N ALA C 155 -18.79 8.33 -32.26
CA ALA C 155 -19.45 9.50 -32.83
C ALA C 155 -19.17 9.63 -34.33
N ASP C 156 -17.93 9.35 -34.76
CA ASP C 156 -17.52 9.43 -36.16
C ASP C 156 -18.18 8.32 -37.00
N PHE C 157 -18.14 7.07 -36.50
CA PHE C 157 -18.75 5.92 -37.16
C PHE C 157 -20.25 5.99 -37.16
N GLU C 158 -20.87 6.41 -36.03
CA GLU C 158 -22.34 6.55 -35.93
C GLU C 158 -22.87 7.50 -36.99
N SER C 159 -22.18 8.64 -37.19
CA SER C 159 -22.55 9.66 -38.17
C SER C 159 -22.36 9.10 -39.60
N ARG C 160 -21.20 8.46 -39.87
CA ARG C 160 -20.88 7.88 -41.16
C ARG C 160 -21.79 6.74 -41.56
N ILE C 161 -22.07 5.80 -40.62
CA ILE C 161 -22.98 4.67 -40.87
C ILE C 161 -24.41 5.17 -41.15
N SER C 162 -24.97 6.03 -40.26
CA SER C 162 -26.30 6.60 -40.42
C SER C 162 -26.48 7.38 -41.73
N THR C 163 -25.44 8.11 -42.23
CA THR C 163 -25.44 8.83 -43.50
C THR C 163 -25.60 7.81 -44.64
N LEU C 164 -24.85 6.68 -44.56
CA LEU C 164 -24.92 5.58 -45.51
C LEU C 164 -26.30 4.92 -45.46
N GLU C 165 -26.83 4.66 -44.25
CA GLU C 165 -28.17 4.05 -44.04
C GLU C 165 -29.32 4.94 -44.55
N ARG C 166 -29.09 6.26 -44.64
CA ARG C 166 -30.06 7.24 -45.09
C ARG C 166 -30.01 7.48 -46.61
N THR C 167 -28.80 7.43 -47.21
CA THR C 167 -28.58 7.75 -48.62
C THR C 167 -28.37 6.57 -49.57
N ALA C 168 -27.73 5.48 -49.10
CA ALA C 168 -27.43 4.31 -49.94
C ALA C 168 -28.68 3.63 -50.52
N VAL C 169 -28.59 3.14 -51.75
CA VAL C 169 -29.68 2.41 -52.43
C VAL C 169 -29.56 0.97 -51.95
N THR C 170 -30.64 0.43 -51.37
CA THR C 170 -30.67 -0.94 -50.86
C THR C 170 -31.71 -1.83 -51.55
N SER C 171 -32.63 -1.21 -52.33
CA SER C 171 -33.69 -1.93 -53.07
C SER C 171 -34.07 -1.18 -54.34
N ALA C 172 -34.72 -1.88 -55.26
CA ALA C 172 -35.14 -1.27 -56.52
C ALA C 172 -36.44 -1.86 -57.02
N GLY C 173 -37.22 -1.04 -57.72
CA GLY C 173 -38.45 -1.48 -58.37
C GLY C 173 -38.21 -1.83 -59.83
N ALA C 174 -38.97 -2.81 -60.39
CA ALA C 174 -38.92 -3.19 -61.82
C ALA C 174 -38.95 -1.92 -62.72
N PRO C 175 -38.15 -1.85 -63.81
CA PRO C 175 -37.31 -2.90 -64.41
C PRO C 175 -35.91 -3.08 -63.79
N LEU C 176 -35.65 -2.41 -62.68
CA LEU C 176 -34.37 -2.56 -61.98
C LEU C 176 -34.40 -3.72 -61.00
N SER C 177 -33.27 -4.40 -60.84
CA SER C 177 -33.11 -5.45 -59.85
C SER C 177 -31.68 -5.49 -59.35
N ILE C 178 -31.51 -5.80 -58.05
CA ILE C 178 -30.21 -5.89 -57.41
C ILE C 178 -29.95 -7.34 -57.05
N ARG C 179 -28.73 -7.82 -57.35
CA ARG C 179 -28.26 -9.16 -57.06
C ARG C 179 -26.76 -9.05 -56.84
N ASN C 180 -26.28 -9.50 -55.65
CA ASN C 180 -24.87 -9.45 -55.24
C ASN C 180 -24.25 -8.06 -55.43
N ASN C 181 -24.98 -7.02 -54.93
CA ASN C 181 -24.60 -5.59 -54.99
C ASN C 181 -24.55 -5.01 -56.41
N ARG C 182 -25.05 -5.75 -57.40
CA ARG C 182 -25.06 -5.30 -58.79
C ARG C 182 -26.46 -5.00 -59.25
N MET C 183 -26.67 -3.80 -59.78
CA MET C 183 -27.96 -3.44 -60.35
C MET C 183 -27.99 -3.67 -61.86
N THR C 184 -29.08 -4.29 -62.33
CA THR C 184 -29.30 -4.55 -63.74
C THR C 184 -30.70 -4.11 -64.12
N MET C 185 -30.94 -3.99 -65.43
CA MET C 185 -32.20 -3.56 -65.99
C MET C 185 -32.68 -4.67 -66.90
N GLY C 186 -33.90 -5.13 -66.65
CA GLY C 186 -34.52 -6.16 -67.47
C GLY C 186 -35.17 -5.57 -68.70
N LEU C 187 -34.90 -6.16 -69.88
CA LEU C 187 -35.46 -5.63 -71.13
C LEU C 187 -36.26 -6.62 -71.89
N ASN C 188 -37.44 -6.21 -72.36
CA ASN C 188 -38.29 -7.05 -73.21
C ASN C 188 -37.90 -6.78 -74.67
N ASP C 189 -38.32 -7.67 -75.60
CA ASP C 189 -38.18 -7.52 -77.05
C ASP C 189 -38.72 -6.13 -77.42
N GLY C 190 -37.93 -5.35 -78.14
CA GLY C 190 -38.27 -3.98 -78.52
C GLY C 190 -37.28 -3.00 -77.94
N LEU C 191 -36.63 -3.39 -76.84
CA LEU C 191 -35.59 -2.65 -76.14
C LEU C 191 -34.32 -3.46 -76.06
N THR C 192 -33.20 -2.83 -76.36
CA THR C 192 -31.89 -3.50 -76.40
C THR C 192 -30.78 -2.48 -76.07
N LEU C 193 -29.51 -2.89 -76.22
CA LEU C 193 -28.35 -2.04 -76.05
C LEU C 193 -27.69 -1.72 -77.40
N SER C 194 -27.30 -0.45 -77.60
CA SER C 194 -26.51 0.02 -78.73
C SER C 194 -25.28 0.56 -77.99
N GLY C 195 -24.23 -0.27 -77.95
CA GLY C 195 -23.06 -0.02 -77.11
C GLY C 195 -23.50 -0.28 -75.68
N ASN C 196 -23.36 0.72 -74.82
CA ASN C 196 -23.80 0.64 -73.42
C ASN C 196 -25.08 1.45 -73.18
N ASN C 197 -25.77 1.86 -74.26
CA ASN C 197 -26.97 2.69 -74.17
C ASN C 197 -28.23 1.97 -74.49
N LEU C 198 -29.31 2.37 -73.81
CA LEU C 198 -30.64 1.83 -74.07
C LEU C 198 -31.10 2.31 -75.43
N ALA C 199 -31.60 1.39 -76.24
CA ALA C 199 -32.05 1.65 -77.61
C ALA C 199 -33.33 0.89 -77.94
N ILE C 200 -34.04 1.36 -78.94
CA ILE C 200 -35.22 0.70 -79.49
C ILE C 200 -34.72 -0.37 -80.54
N ARG C 201 -35.21 -1.61 -80.43
CA ARG C 201 -34.88 -2.67 -81.37
C ARG C 201 -35.90 -2.62 -82.51
N LEU C 202 -35.41 -2.40 -83.73
CA LEU C 202 -36.21 -2.33 -84.95
C LEU C 202 -35.71 -3.43 -85.89
N PRO C 203 -36.15 -4.71 -85.71
CA PRO C 203 -35.63 -5.78 -86.59
C PRO C 203 -36.13 -5.69 -88.01
N GLY C 204 -35.23 -6.00 -88.96
CA GLY C 204 -35.55 -5.99 -90.40
C GLY C 204 -35.76 -4.61 -90.97
N ASN C 205 -36.57 -4.49 -92.02
CA ASN C 205 -36.90 -3.20 -92.63
C ASN C 205 -38.41 -3.16 -92.79
N THR C 206 -39.09 -2.44 -91.90
CA THR C 206 -40.55 -2.35 -91.98
C THR C 206 -41.03 -0.89 -92.10
N GLY C 207 -40.09 0.03 -92.40
CA GLY C 207 -40.38 1.46 -92.53
C GLY C 207 -40.05 2.27 -91.29
N LEU C 208 -39.65 1.61 -90.22
CA LEU C 208 -39.27 2.28 -88.97
C LEU C 208 -37.76 2.46 -88.93
N ASN C 209 -37.30 3.64 -88.51
CA ASN C 209 -35.86 3.90 -88.42
C ASN C 209 -35.51 4.92 -87.35
N ILE C 210 -34.31 4.80 -86.79
CA ILE C 210 -33.80 5.82 -85.89
C ILE C 210 -33.08 6.84 -86.80
N GLN C 211 -33.59 8.08 -86.87
CA GLN C 211 -33.07 9.14 -87.77
C GLN C 211 -33.66 10.45 -87.31
N ASN C 212 -32.98 11.58 -87.61
CA ASN C 212 -33.46 12.90 -87.22
C ASN C 212 -33.58 13.08 -85.73
N GLY C 213 -32.77 12.33 -84.96
CA GLY C 213 -32.73 12.44 -83.51
C GLY C 213 -33.65 11.51 -82.73
N GLY C 214 -34.31 10.57 -83.42
CA GLY C 214 -35.22 9.63 -82.76
C GLY C 214 -35.99 8.72 -83.70
N LEU C 215 -37.12 8.17 -83.20
CA LEU C 215 -37.95 7.24 -83.96
C LEU C 215 -38.87 7.89 -85.01
N GLN C 216 -38.75 7.44 -86.26
CA GLN C 216 -39.54 7.92 -87.38
C GLN C 216 -40.04 6.80 -88.26
N PHE C 217 -41.13 7.06 -88.97
CA PHE C 217 -41.70 6.18 -89.98
C PHE C 217 -41.30 6.73 -91.35
N ARG C 218 -40.94 5.84 -92.29
CA ARG C 218 -40.47 6.19 -93.64
C ARG C 218 -41.43 5.72 -94.75
N PHE C 219 -41.66 6.58 -95.72
CA PHE C 219 -42.60 6.29 -96.80
C PHE C 219 -42.07 6.90 -98.09
N ASN C 220 -42.53 6.39 -99.24
CA ASN C 220 -42.18 6.90 -100.57
C ASN C 220 -42.84 8.28 -100.70
N THR C 221 -42.02 9.34 -100.86
CA THR C 221 -42.50 10.72 -100.91
C THR C 221 -43.29 11.11 -102.17
N ASP C 222 -43.35 10.23 -103.19
CA ASP C 222 -44.14 10.45 -104.40
C ASP C 222 -45.53 9.81 -104.25
N GLN C 223 -45.72 8.88 -103.30
CA GLN C 223 -46.98 8.14 -103.11
C GLN C 223 -47.72 8.53 -101.82
N PHE C 224 -46.96 8.96 -100.81
CA PHE C 224 -47.51 9.36 -99.50
C PHE C 224 -47.02 10.72 -99.06
N GLN C 225 -47.81 11.35 -98.18
CA GLN C 225 -47.50 12.59 -97.48
C GLN C 225 -48.12 12.50 -96.07
N ILE C 226 -47.73 13.45 -95.20
CA ILE C 226 -48.20 13.53 -93.82
C ILE C 226 -49.10 14.76 -93.67
N VAL C 227 -50.33 14.53 -93.21
CA VAL C 227 -51.30 15.61 -92.96
C VAL C 227 -51.76 15.37 -91.57
N ASN C 228 -51.60 16.38 -90.69
CA ASN C 228 -51.95 16.29 -89.26
C ASN C 228 -51.35 14.99 -88.66
N ASN C 229 -50.06 14.75 -88.94
CA ASN C 229 -49.34 13.55 -88.44
C ASN C 229 -50.03 12.22 -88.78
N ASN C 230 -50.70 12.17 -89.96
CA ASN C 230 -51.42 11.01 -90.45
C ASN C 230 -50.88 10.63 -91.79
N LEU C 231 -50.63 9.33 -91.99
CA LEU C 231 -50.21 8.84 -93.29
C LEU C 231 -51.37 9.06 -94.29
N THR C 232 -51.07 9.77 -95.38
CA THR C 232 -52.02 10.13 -96.42
C THR C 232 -51.49 9.74 -97.81
N LEU C 233 -52.37 9.29 -98.71
CA LEU C 233 -52.01 9.04 -100.09
C LEU C 233 -51.75 10.39 -100.74
N LYS C 234 -50.66 10.51 -101.51
CA LYS C 234 -50.34 11.77 -102.17
C LYS C 234 -51.42 12.14 -103.17
N THR C 235 -51.81 13.43 -103.17
CA THR C 235 -52.85 14.00 -104.04
C THR C 235 -52.49 13.85 -105.53
N THR C 236 -51.21 14.06 -105.88
CA THR C 236 -50.69 13.95 -107.25
C THR C 236 -50.51 12.49 -107.73
N VAL C 237 -51.49 11.61 -107.47
CA VAL C 237 -51.43 10.23 -107.95
C VAL C 237 -52.57 10.02 -108.97
N PHE C 238 -52.42 10.70 -110.13
CA PHE C 238 -53.33 10.67 -111.27
C PHE C 238 -52.58 10.22 -112.52
#